data_7M96
#
_entry.id   7M96
#
_cell.length_a   70.700
_cell.length_b   55.350
_cell.length_c   92.950
_cell.angle_alpha   90.000
_cell.angle_beta   94.500
_cell.angle_gamma   90.000
#
_symmetry.space_group_name_H-M   'P 1 21 1'
#
loop_
_entity.id
_entity.type
_entity.pdbx_description
1 polymer 'Sigma intracellular receptor 2'
2 non-polymer 6-({[(1S)-1-hydroxy-2-methyl-1-phenylpropan-2-yl]amino}methyl)-1-methyl-3,4-dihydroquinolin-2(1H)-one
3 non-polymer '(2R)-2,3-dihydroxypropyl (9Z)-octadec-9-enoate'
4 non-polymer '2-(N-MORPHOLINO)-ETHANESULFONIC ACID'
5 water water
#
_entity_poly.entity_id   1
_entity_poly.type   'polypeptide(L)'
_entity_poly.pdbx_seq_one_letter_code
;GPGGSSMGTLGARRGLEWFLGFYFLSHIPITLLMDLQGVLPRDLYPVELRNLQQWYIEEFKDPLLQTPPAWFKSFLFCEL
VFQLPFFPIAAYAFFKGGCKWIRTPAIIYSVHTMTTLIPILSTLLLDDFSKASHFRGQGPKTFQERLFLISVYIPYFLIP
LILLLFMVRNPYYK
;
_entity_poly.pdbx_strand_id   A,B,C,D
#
loop_
_chem_comp.id
_chem_comp.type
_chem_comp.name
_chem_comp.formula
MES non-polymer '2-(N-MORPHOLINO)-ETHANESULFONIC ACID' 'C6 H13 N O4 S'
OLC non-polymer '(2R)-2,3-dihydroxypropyl (9Z)-octadec-9-enoate' 'C21 H40 O4'
YTD non-polymer 6-({[(1S)-1-hydroxy-2-methyl-1-phenylpropan-2-yl]amino}methyl)-1-methyl-3,4-dihydroquinolin-2(1H)-one 'C21 H26 N2 O2'
#
# COMPACT_ATOMS: atom_id res chain seq x y z
N THR A 9 12.92 33.36 -15.91
CA THR A 9 11.74 32.57 -16.26
C THR A 9 11.87 31.12 -15.76
N LEU A 10 10.89 30.29 -16.09
CA LEU A 10 10.87 28.90 -15.65
C LEU A 10 10.92 27.95 -16.83
N GLY A 11 9.85 27.82 -17.59
CA GLY A 11 9.85 26.90 -18.71
C GLY A 11 8.64 25.99 -18.56
N ALA A 12 7.95 25.76 -19.69
CA ALA A 12 6.72 24.97 -19.64
C ALA A 12 7.00 23.52 -19.26
N ARG A 13 8.17 23.00 -19.64
CA ARG A 13 8.51 21.63 -19.29
C ARG A 13 8.71 21.49 -17.78
N ARG A 14 9.54 22.36 -17.18
CA ARG A 14 9.76 22.30 -15.75
C ARG A 14 8.47 22.60 -14.98
N GLY A 15 7.71 23.59 -15.42
CA GLY A 15 6.45 23.91 -14.77
C GLY A 15 5.47 22.75 -14.80
N LEU A 16 5.46 21.99 -15.91
CA LEU A 16 4.61 20.81 -15.97
C LEU A 16 5.08 19.76 -14.96
N GLU A 17 6.39 19.60 -14.79
CA GLU A 17 6.90 18.69 -13.77
C GLU A 17 6.49 19.14 -12.38
N TRP A 18 6.53 20.45 -12.12
CA TRP A 18 6.04 20.97 -10.84
C TRP A 18 4.55 20.71 -10.68
N PHE A 19 3.79 20.86 -11.77
CA PHE A 19 2.35 20.60 -11.71
C PHE A 19 2.07 19.13 -11.49
N LEU A 20 2.83 18.25 -12.14
CA LEU A 20 2.66 16.81 -11.95
C LEU A 20 2.96 16.40 -10.51
N GLY A 21 3.98 17.00 -9.92
CA GLY A 21 4.33 16.66 -8.54
C GLY A 21 3.20 16.92 -7.57
N PHE A 22 2.60 18.12 -7.64
CA PHE A 22 1.47 18.43 -6.77
C PHE A 22 0.25 17.60 -7.11
N TYR A 23 0.13 17.11 -8.34
CA TYR A 23 -0.97 16.23 -8.69
C TYR A 23 -0.86 14.89 -7.96
N PHE A 24 0.34 14.29 -7.98
CA PHE A 24 0.54 13.02 -7.29
C PHE A 24 0.57 13.20 -5.78
N LEU A 25 1.10 14.33 -5.30
CA LEU A 25 1.16 14.56 -3.86
C LEU A 25 -0.24 14.76 -3.27
N SER A 26 -1.08 15.54 -3.95
CA SER A 26 -2.44 15.74 -3.47
C SER A 26 -3.32 14.51 -3.69
N HIS A 27 -2.90 13.58 -4.55
CA HIS A 27 -3.71 12.41 -4.84
C HIS A 27 -3.71 11.41 -3.68
N ILE A 28 -2.73 11.48 -2.79
CA ILE A 28 -2.65 10.56 -1.66
C ILE A 28 -3.78 10.86 -0.66
N PRO A 29 -3.93 12.10 -0.16
CA PRO A 29 -5.05 12.34 0.77
C PRO A 29 -6.41 12.17 0.14
N ILE A 30 -6.55 12.51 -1.14
CA ILE A 30 -7.83 12.35 -1.83
C ILE A 30 -8.22 10.88 -1.92
N THR A 31 -7.26 10.03 -2.26
CA THR A 31 -7.55 8.59 -2.33
C THR A 31 -7.81 8.02 -0.94
N LEU A 32 -6.98 8.38 0.05
CA LEU A 32 -7.06 7.73 1.36
C LEU A 32 -8.29 8.15 2.14
N LEU A 33 -8.67 9.43 2.04
CA LEU A 33 -9.73 9.97 2.89
C LEU A 33 -11.10 9.99 2.23
N MET A 34 -11.18 9.87 0.91
CA MET A 34 -12.43 10.07 0.21
C MET A 34 -12.76 8.92 -0.74
N ASP A 35 -11.83 8.58 -1.63
CA ASP A 35 -12.11 7.58 -2.66
C ASP A 35 -12.31 6.20 -2.08
N LEU A 36 -11.47 5.81 -1.13
CA LEU A 36 -11.47 4.44 -0.63
C LEU A 36 -12.55 4.18 0.42
N GLN A 37 -13.45 5.14 0.68
CA GLN A 37 -14.51 4.90 1.66
C GLN A 37 -15.53 3.89 1.16
N GLY A 38 -15.57 3.62 -0.14
CA GLY A 38 -16.48 2.62 -0.67
C GLY A 38 -15.99 1.19 -0.57
N VAL A 39 -14.68 0.98 -0.46
CA VAL A 39 -14.13 -0.36 -0.34
C VAL A 39 -13.61 -0.64 1.07
N LEU A 40 -13.05 0.36 1.77
CA LEU A 40 -12.60 0.16 3.13
C LEU A 40 -13.77 0.22 4.10
N PRO A 41 -13.69 -0.50 5.23
CA PRO A 41 -14.80 -0.47 6.19
C PRO A 41 -15.03 0.94 6.72
N ARG A 42 -16.31 1.24 7.00
CA ARG A 42 -16.69 2.56 7.47
C ARG A 42 -16.18 2.85 8.88
N ASP A 43 -15.90 1.81 9.67
CA ASP A 43 -15.41 2.02 11.02
C ASP A 43 -14.02 2.65 11.03
N LEU A 44 -13.22 2.42 9.98
CA LEU A 44 -11.87 2.96 9.94
C LEU A 44 -11.86 4.49 9.90
N TYR A 45 -12.94 5.11 9.44
CA TYR A 45 -12.97 6.56 9.39
C TYR A 45 -13.73 7.13 10.58
N PRO A 46 -13.28 8.25 11.13
CA PRO A 46 -14.06 8.93 12.17
C PRO A 46 -15.39 9.42 11.62
N VAL A 47 -16.25 9.84 12.54
CA VAL A 47 -17.62 10.22 12.18
C VAL A 47 -17.65 11.46 11.29
N GLU A 48 -16.72 12.39 11.51
CA GLU A 48 -16.71 13.62 10.72
C GLU A 48 -16.37 13.35 9.26
N LEU A 49 -15.40 12.46 9.02
CA LEU A 49 -15.02 12.14 7.64
C LEU A 49 -16.09 11.31 6.93
N ARG A 50 -16.77 10.43 7.67
CA ARG A 50 -17.86 9.67 7.07
C ARG A 50 -18.97 10.59 6.59
N ASN A 51 -19.35 11.56 7.43
CA ASN A 51 -20.38 12.52 7.07
C ASN A 51 -19.89 13.55 6.05
N LEU A 52 -18.58 13.78 5.98
CA LEU A 52 -18.06 14.64 4.93
C LEU A 52 -18.22 13.98 3.56
N GLN A 53 -18.04 12.67 3.48
CA GLN A 53 -18.33 11.97 2.24
C GLN A 53 -19.84 11.95 1.96
N GLN A 54 -20.64 11.87 3.02
CA GLN A 54 -22.09 11.99 2.86
C GLN A 54 -22.47 13.35 2.31
N TRP A 55 -21.73 14.40 2.68
CA TRP A 55 -22.00 15.72 2.12
C TRP A 55 -21.76 15.74 0.63
N TYR A 56 -20.64 15.14 0.18
CA TYR A 56 -20.33 15.12 -1.24
C TYR A 56 -21.33 14.27 -2.02
N ILE A 57 -21.74 13.15 -1.44
CA ILE A 57 -22.63 12.24 -2.15
C ILE A 57 -24.03 12.85 -2.31
N GLU A 58 -24.48 13.59 -1.30
CA GLU A 58 -25.82 14.16 -1.34
C GLU A 58 -25.87 15.44 -2.17
N GLU A 59 -24.83 16.27 -2.12
CA GLU A 59 -24.84 17.51 -2.88
C GLU A 59 -24.52 17.28 -4.35
N PHE A 60 -23.54 16.43 -4.65
CA PHE A 60 -23.12 16.18 -6.02
C PHE A 60 -23.91 15.06 -6.69
N LYS A 61 -24.73 14.33 -5.93
CA LYS A 61 -25.48 13.18 -6.45
C LYS A 61 -24.54 12.15 -7.08
N ASP A 62 -23.49 11.81 -6.35
CA ASP A 62 -22.54 10.82 -6.86
C ASP A 62 -23.16 9.42 -6.72
N PRO A 63 -23.36 8.70 -7.81
CA PRO A 63 -23.99 7.37 -7.73
C PRO A 63 -23.04 6.20 -7.63
N LEU A 64 -21.72 6.45 -7.64
CA LEU A 64 -20.74 5.38 -7.72
C LEU A 64 -19.91 5.18 -6.46
N LEU A 65 -19.78 6.20 -5.61
CA LEU A 65 -18.87 6.10 -4.47
C LEU A 65 -19.52 5.47 -3.24
N GLN A 66 -20.79 5.76 -2.98
CA GLN A 66 -21.44 5.26 -1.76
C GLN A 66 -21.62 3.75 -1.82
N THR A 67 -22.32 3.27 -2.85
CA THR A 67 -22.59 1.84 -3.05
C THR A 67 -21.93 1.42 -4.36
N PRO A 68 -20.62 1.17 -4.34
CA PRO A 68 -19.88 0.97 -5.59
C PRO A 68 -20.31 -0.30 -6.29
N PRO A 69 -20.64 -0.23 -7.58
CA PRO A 69 -20.86 -1.45 -8.36
C PRO A 69 -19.56 -2.23 -8.50
N ALA A 70 -19.71 -3.49 -8.93
CA ALA A 70 -18.56 -4.39 -9.01
C ALA A 70 -17.48 -3.84 -9.94
N TRP A 71 -17.87 -3.32 -11.11
CA TRP A 71 -16.88 -2.78 -12.03
C TRP A 71 -16.16 -1.58 -11.42
N PHE A 72 -16.90 -0.73 -10.72
CA PHE A 72 -16.28 0.41 -10.05
C PHE A 72 -15.53 -0.03 -8.80
N LYS A 73 -15.94 -1.13 -8.17
CA LYS A 73 -15.24 -1.61 -6.99
C LYS A 73 -13.86 -2.13 -7.33
N SER A 74 -13.72 -2.81 -8.47
CA SER A 74 -12.42 -3.33 -8.87
C SER A 74 -11.43 -2.21 -9.19
N PHE A 75 -11.93 -1.07 -9.67
CA PHE A 75 -11.04 0.06 -9.95
C PHE A 75 -10.53 0.69 -8.67
N LEU A 76 -11.37 0.74 -7.63
CA LEU A 76 -10.93 1.29 -6.35
C LEU A 76 -9.79 0.45 -5.74
N PHE A 77 -9.86 -0.87 -5.92
CA PHE A 77 -8.77 -1.71 -5.44
C PHE A 77 -7.50 -1.51 -6.24
N CYS A 78 -7.62 -1.28 -7.56
CA CYS A 78 -6.46 -0.92 -8.35
C CYS A 78 -5.89 0.42 -7.93
N GLU A 79 -6.75 1.35 -7.50
CA GLU A 79 -6.27 2.63 -6.99
C GLU A 79 -5.52 2.44 -5.67
N LEU A 80 -5.92 1.44 -4.88
CA LEU A 80 -5.28 1.20 -3.59
C LEU A 80 -3.99 0.39 -3.73
N VAL A 81 -4.01 -0.65 -4.55
CA VAL A 81 -2.87 -1.56 -4.61
C VAL A 81 -1.79 -1.03 -5.55
N PHE A 82 -2.16 -0.48 -6.69
CA PHE A 82 -1.22 -0.07 -7.71
C PHE A 82 -0.93 1.43 -7.70
N GLN A 83 -1.97 2.27 -7.64
CA GLN A 83 -1.79 3.70 -7.82
C GLN A 83 -1.20 4.36 -6.57
N LEU A 84 -1.76 4.06 -5.40
CA LEU A 84 -1.32 4.74 -4.18
C LEU A 84 0.15 4.51 -3.84
N PRO A 85 0.71 3.31 -3.95
CA PRO A 85 2.17 3.19 -3.76
C PRO A 85 2.98 3.94 -4.79
N PHE A 86 2.43 4.18 -5.97
CA PHE A 86 3.16 4.87 -7.03
C PHE A 86 3.14 6.38 -6.87
N PHE A 87 2.17 6.93 -6.14
CA PHE A 87 2.05 8.38 -6.01
C PHE A 87 3.28 9.03 -5.38
N PRO A 88 3.82 8.55 -4.26
CA PRO A 88 5.01 9.22 -3.70
C PRO A 88 6.24 9.10 -4.58
N ILE A 89 6.40 7.99 -5.29
CA ILE A 89 7.57 7.84 -6.16
C ILE A 89 7.52 8.85 -7.29
N ALA A 90 6.35 9.00 -7.91
CA ALA A 90 6.22 9.91 -9.05
C ALA A 90 6.31 11.36 -8.61
N ALA A 91 5.77 11.68 -7.43
CA ALA A 91 5.88 13.04 -6.92
C ALA A 91 7.35 13.43 -6.70
N TYR A 92 8.13 12.53 -6.13
CA TYR A 92 9.55 12.80 -5.92
C TYR A 92 10.29 12.96 -7.26
N ALA A 93 9.93 12.13 -8.24
CA ALA A 93 10.65 12.15 -9.51
C ALA A 93 10.39 13.44 -10.29
N PHE A 94 9.16 13.96 -10.22
CA PHE A 94 8.83 15.16 -10.98
C PHE A 94 9.23 16.44 -10.24
N PHE A 95 9.21 16.41 -8.90
CA PHE A 95 9.74 17.54 -8.15
C PHE A 95 11.24 17.70 -8.41
N LYS A 96 11.98 16.60 -8.41
CA LYS A 96 13.39 16.65 -8.74
C LYS A 96 13.61 16.93 -10.23
N GLY A 97 12.89 16.19 -11.08
CA GLY A 97 13.00 16.36 -12.51
C GLY A 97 14.14 15.55 -13.11
N GLY A 98 14.01 15.28 -14.41
CA GLY A 98 15.06 14.59 -15.13
C GLY A 98 15.28 13.15 -14.74
N CYS A 99 14.30 12.51 -14.10
CA CYS A 99 14.41 11.10 -13.74
C CYS A 99 13.98 10.27 -14.94
N LYS A 100 14.95 9.77 -15.70
CA LYS A 100 14.63 8.97 -16.88
C LYS A 100 13.91 7.69 -16.50
N TRP A 101 14.15 7.16 -15.30
CA TRP A 101 13.57 5.89 -14.87
C TRP A 101 12.08 5.98 -14.55
N ILE A 102 11.45 7.14 -14.73
CA ILE A 102 10.02 7.27 -14.49
C ILE A 102 9.19 7.18 -15.77
N ARG A 103 9.83 7.15 -16.95
CA ARG A 103 9.10 7.20 -18.21
C ARG A 103 8.14 6.02 -18.35
N THR A 104 8.69 4.80 -18.39
CA THR A 104 7.83 3.63 -18.55
C THR A 104 6.83 3.45 -17.41
N PRO A 105 7.20 3.62 -16.12
CA PRO A 105 6.16 3.55 -15.08
C PRO A 105 5.08 4.61 -15.22
N ALA A 106 5.43 5.83 -15.64
CA ALA A 106 4.41 6.87 -15.79
C ALA A 106 3.48 6.58 -16.96
N ILE A 107 4.00 5.98 -18.04
CA ILE A 107 3.15 5.60 -19.17
C ILE A 107 2.13 4.56 -18.73
N ILE A 108 2.56 3.59 -17.92
CA ILE A 108 1.66 2.54 -17.45
C ILE A 108 0.58 3.12 -16.55
N TYR A 109 0.95 4.05 -15.66
CA TYR A 109 -0.05 4.69 -14.81
C TYR A 109 -1.04 5.51 -15.62
N SER A 110 -0.54 6.28 -16.59
CA SER A 110 -1.41 7.16 -17.36
C SER A 110 -2.48 6.37 -18.11
N VAL A 111 -2.05 5.37 -18.89
CA VAL A 111 -3.00 4.57 -19.65
C VAL A 111 -3.97 3.86 -18.73
N HIS A 112 -3.47 3.33 -17.60
CA HIS A 112 -4.35 2.69 -16.64
C HIS A 112 -5.36 3.68 -16.06
N THR A 113 -4.95 4.92 -15.86
CA THR A 113 -5.84 5.92 -15.28
C THR A 113 -6.83 6.45 -16.31
N MET A 114 -6.40 6.60 -17.56
CA MET A 114 -7.33 7.01 -18.61
C MET A 114 -8.36 5.93 -18.90
N THR A 115 -7.96 4.66 -18.80
CA THR A 115 -8.87 3.58 -19.14
C THR A 115 -9.94 3.37 -18.08
N THR A 116 -9.62 3.67 -16.82
CA THR A 116 -10.61 3.47 -15.75
C THR A 116 -11.66 4.57 -15.72
N LEU A 117 -11.39 5.72 -16.35
CA LEU A 117 -12.32 6.84 -16.32
C LEU A 117 -13.22 6.92 -17.54
N ILE A 118 -12.85 6.27 -18.64
CA ILE A 118 -13.74 6.20 -19.80
C ILE A 118 -15.09 5.61 -19.44
N PRO A 119 -15.18 4.47 -18.74
CA PRO A 119 -16.52 3.99 -18.32
C PRO A 119 -17.16 4.85 -17.25
N ILE A 120 -16.35 5.55 -16.44
CA ILE A 120 -16.92 6.39 -15.38
C ILE A 120 -17.59 7.62 -15.98
N LEU A 121 -16.86 8.35 -16.83
CA LEU A 121 -17.45 9.52 -17.48
C LEU A 121 -18.62 9.13 -18.37
N SER A 122 -18.54 7.96 -19.00
CA SER A 122 -19.63 7.51 -19.87
C SER A 122 -20.89 7.22 -19.06
N THR A 123 -20.74 6.60 -17.89
CA THR A 123 -21.89 6.30 -17.05
C THR A 123 -22.51 7.59 -16.51
N LEU A 124 -21.68 8.50 -16.00
CA LEU A 124 -22.20 9.76 -15.46
C LEU A 124 -22.90 10.59 -16.53
N LEU A 125 -22.45 10.49 -17.78
CA LEU A 125 -22.97 11.34 -18.84
C LEU A 125 -24.17 10.73 -19.55
N LEU A 126 -24.25 9.41 -19.66
CA LEU A 126 -25.24 8.76 -20.50
C LEU A 126 -26.15 7.77 -19.78
N ASP A 127 -25.77 7.26 -18.62
CA ASP A 127 -26.53 6.20 -18.00
C ASP A 127 -27.77 6.75 -17.28
N ASP A 128 -28.60 5.83 -16.82
CA ASP A 128 -29.89 6.15 -16.21
C ASP A 128 -29.80 5.96 -14.71
N PHE A 129 -30.16 7.00 -13.97
CA PHE A 129 -30.08 6.98 -12.51
C PHE A 129 -31.44 7.23 -11.87
N SER A 130 -32.52 6.84 -12.56
CA SER A 130 -33.86 7.07 -12.04
C SER A 130 -34.12 6.13 -10.86
N LYS A 131 -35.30 6.31 -10.25
CA LYS A 131 -35.67 5.47 -9.12
C LYS A 131 -36.00 4.05 -9.53
N ALA A 132 -36.20 3.81 -10.83
CA ALA A 132 -36.50 2.47 -11.33
C ALA A 132 -35.27 1.76 -11.88
N SER A 133 -34.09 2.34 -11.71
CA SER A 133 -32.84 1.71 -12.12
C SER A 133 -32.17 1.04 -10.93
N HIS A 134 -31.11 0.28 -11.21
CA HIS A 134 -30.38 -0.38 -10.14
C HIS A 134 -29.55 0.60 -9.31
N PHE A 135 -29.46 1.86 -9.72
CA PHE A 135 -28.90 2.91 -8.89
C PHE A 135 -29.89 3.45 -7.87
N ARG A 136 -31.17 3.08 -7.99
CA ARG A 136 -32.17 3.29 -6.94
C ARG A 136 -32.36 4.77 -6.61
N GLY A 137 -32.45 5.60 -7.64
CA GLY A 137 -32.75 7.01 -7.47
C GLY A 137 -31.57 7.89 -7.10
N GLN A 138 -30.44 7.32 -6.74
CA GLN A 138 -29.25 8.09 -6.40
C GLN A 138 -28.43 8.34 -7.67
N GLY A 139 -28.28 9.60 -8.04
CA GLY A 139 -27.52 9.96 -9.22
C GLY A 139 -28.05 11.20 -9.89
N PRO A 140 -27.30 11.72 -10.85
CA PRO A 140 -27.73 12.93 -11.56
C PRO A 140 -28.84 12.63 -12.55
N LYS A 141 -29.72 13.62 -12.72
CA LYS A 141 -30.82 13.54 -13.67
C LYS A 141 -30.77 14.62 -14.73
N THR A 142 -30.48 15.86 -14.35
CA THR A 142 -30.38 16.95 -15.31
C THR A 142 -28.97 17.00 -15.89
N PHE A 143 -28.86 17.69 -17.03
CA PHE A 143 -27.56 17.83 -17.68
C PHE A 143 -26.57 18.62 -16.82
N GLN A 144 -27.06 19.60 -16.05
CA GLN A 144 -26.16 20.40 -15.23
C GLN A 144 -25.63 19.62 -14.03
N GLU A 145 -26.44 18.72 -13.47
CA GLU A 145 -25.97 17.86 -12.39
C GLU A 145 -24.95 16.85 -12.89
N ARG A 146 -25.11 16.37 -14.13
CA ARG A 146 -24.14 15.44 -14.69
C ARG A 146 -22.80 16.12 -14.94
N LEU A 147 -22.83 17.38 -15.40
CA LEU A 147 -21.59 18.08 -15.65
C LEU A 147 -20.92 18.54 -14.36
N PHE A 148 -21.71 18.82 -13.32
CA PHE A 148 -21.14 19.11 -12.01
C PHE A 148 -20.35 17.92 -11.50
N LEU A 149 -20.84 16.71 -11.75
CA LEU A 149 -20.15 15.49 -11.34
C LEU A 149 -18.99 15.16 -12.27
N ILE A 150 -19.18 15.39 -13.57
CA ILE A 150 -18.09 15.17 -14.53
C ILE A 150 -16.94 16.15 -14.26
N SER A 151 -17.26 17.34 -13.77
CA SER A 151 -16.21 18.34 -13.55
C SER A 151 -15.23 17.91 -12.48
N VAL A 152 -15.68 17.13 -11.49
CA VAL A 152 -14.77 16.67 -10.44
C VAL A 152 -14.06 15.38 -10.80
N TYR A 153 -14.54 14.64 -11.80
CA TYR A 153 -13.89 13.42 -12.26
C TYR A 153 -12.95 13.66 -13.43
N ILE A 154 -13.21 14.68 -14.23
CA ILE A 154 -12.47 14.93 -15.48
C ILE A 154 -10.99 15.26 -15.26
N PRO A 155 -10.56 15.94 -14.17
CA PRO A 155 -9.13 16.24 -14.09
C PRO A 155 -8.25 15.01 -14.04
N TYR A 156 -8.76 13.89 -13.53
CA TYR A 156 -7.97 12.67 -13.47
C TYR A 156 -7.91 11.92 -14.80
N PHE A 157 -8.55 12.44 -15.84
CA PHE A 157 -8.38 11.92 -17.19
C PHE A 157 -7.50 12.80 -18.05
N LEU A 158 -7.60 14.12 -17.88
CA LEU A 158 -6.84 15.05 -18.70
C LEU A 158 -5.37 15.10 -18.26
N ILE A 159 -5.12 15.05 -16.96
CA ILE A 159 -3.77 15.16 -16.43
C ILE A 159 -2.97 13.90 -16.78
N PRO A 160 -3.50 12.68 -16.58
CA PRO A 160 -2.80 11.50 -17.12
C PRO A 160 -2.66 11.51 -18.63
N LEU A 161 -3.60 12.13 -19.35
CA LEU A 161 -3.44 12.28 -20.78
C LEU A 161 -2.27 13.19 -21.11
N ILE A 162 -2.09 14.26 -20.35
CA ILE A 162 -0.93 15.12 -20.55
C ILE A 162 0.36 14.36 -20.22
N LEU A 163 0.33 13.59 -19.12
CA LEU A 163 1.51 12.83 -18.73
C LEU A 163 1.87 11.79 -19.79
N LEU A 164 0.87 11.10 -20.34
CA LEU A 164 1.15 10.10 -21.38
C LEU A 164 1.84 10.74 -22.58
N LEU A 165 1.26 11.82 -23.11
CA LEU A 165 1.89 12.49 -24.25
C LEU A 165 3.23 13.10 -23.89
N PHE A 166 3.41 13.49 -22.63
CA PHE A 166 4.66 14.10 -22.19
C PHE A 166 5.79 13.08 -22.20
N MET A 167 5.53 11.88 -21.69
CA MET A 167 6.60 10.87 -21.58
C MET A 167 6.98 10.30 -22.93
N VAL A 168 6.04 10.27 -23.88
CA VAL A 168 6.30 9.58 -25.15
C VAL A 168 7.31 10.35 -25.99
N ARG A 169 7.24 11.69 -25.99
CA ARG A 169 8.02 12.48 -26.92
C ARG A 169 9.07 13.37 -26.25
N ASN A 170 9.23 13.31 -24.93
CA ASN A 170 10.20 14.16 -24.26
C ASN A 170 11.57 13.50 -24.29
N PRO A 171 12.57 14.12 -24.90
CA PRO A 171 13.91 13.49 -24.97
C PRO A 171 14.61 13.38 -23.63
N TYR A 172 14.29 14.24 -22.67
CA TYR A 172 14.98 14.23 -21.38
C TYR A 172 14.61 13.05 -20.52
N TYR A 173 13.62 12.25 -20.92
CA TYR A 173 13.25 11.03 -20.20
C TYR A 173 13.56 9.76 -20.98
N LYS A 174 14.12 9.87 -22.18
CA LYS A 174 14.46 8.71 -22.98
C LYS A 174 15.89 8.26 -22.71
N THR B 9 18.09 -22.94 -34.37
CA THR B 9 16.78 -23.11 -34.99
C THR B 9 15.86 -21.95 -34.67
N LEU B 10 14.98 -22.14 -33.70
CA LEU B 10 14.08 -21.10 -33.23
C LEU B 10 14.50 -20.64 -31.85
N GLY B 11 14.38 -19.35 -31.58
CA GLY B 11 14.69 -18.80 -30.28
C GLY B 11 13.44 -18.64 -29.43
N ALA B 12 13.66 -18.45 -28.13
CA ALA B 12 12.52 -18.23 -27.23
C ALA B 12 11.87 -16.89 -27.47
N ARG B 13 12.65 -15.87 -27.83
CA ARG B 13 12.06 -14.57 -28.16
C ARG B 13 11.26 -14.64 -29.45
N ARG B 14 11.85 -15.21 -30.50
CA ARG B 14 11.18 -15.25 -31.79
C ARG B 14 9.92 -16.08 -31.74
N GLY B 15 9.94 -17.18 -30.97
CA GLY B 15 8.75 -18.01 -30.86
C GLY B 15 7.59 -17.28 -30.21
N LEU B 16 7.88 -16.49 -29.18
CA LEU B 16 6.83 -15.66 -28.57
C LEU B 16 6.36 -14.57 -29.53
N GLU B 17 7.26 -14.05 -30.36
CA GLU B 17 6.87 -13.03 -31.33
C GLU B 17 5.94 -13.60 -32.39
N TRP B 18 6.09 -14.87 -32.74
CA TRP B 18 5.12 -15.51 -33.64
C TRP B 18 3.78 -15.71 -32.93
N PHE B 19 3.83 -16.06 -31.65
CA PHE B 19 2.59 -16.22 -30.88
C PHE B 19 1.84 -14.90 -30.76
N LEU B 20 2.57 -13.81 -30.52
CA LEU B 20 1.95 -12.49 -30.46
C LEU B 20 1.38 -12.08 -31.81
N GLY B 21 2.00 -12.49 -32.91
CA GLY B 21 1.50 -12.13 -34.22
C GLY B 21 0.15 -12.75 -34.51
N PHE B 22 0.02 -14.06 -34.24
CA PHE B 22 -1.25 -14.73 -34.47
C PHE B 22 -2.32 -14.25 -33.50
N TYR B 23 -1.92 -13.85 -32.29
CA TYR B 23 -2.89 -13.31 -31.34
C TYR B 23 -3.50 -12.01 -31.86
N PHE B 24 -2.68 -11.15 -32.47
CA PHE B 24 -3.20 -9.92 -33.06
C PHE B 24 -3.89 -10.19 -34.39
N LEU B 25 -3.40 -11.15 -35.18
CA LEU B 25 -4.06 -11.49 -36.42
C LEU B 25 -5.46 -12.06 -36.20
N SER B 26 -5.59 -12.95 -35.20
CA SER B 26 -6.89 -13.55 -34.93
C SER B 26 -7.84 -12.58 -34.22
N HIS B 27 -7.31 -11.55 -33.56
CA HIS B 27 -8.18 -10.61 -32.87
C HIS B 27 -8.96 -9.73 -33.84
N ILE B 28 -8.48 -9.57 -35.07
CA ILE B 28 -9.14 -8.73 -36.07
C ILE B 28 -10.50 -9.31 -36.42
N PRO B 29 -10.63 -10.57 -36.88
CA PRO B 29 -11.98 -11.08 -37.18
C PRO B 29 -12.81 -11.36 -35.93
N ILE B 30 -12.17 -11.67 -34.81
CA ILE B 30 -12.92 -11.92 -33.57
C ILE B 30 -13.61 -10.64 -33.11
N THR B 31 -12.91 -9.51 -33.17
CA THR B 31 -13.52 -8.24 -32.78
C THR B 31 -14.62 -7.83 -33.75
N LEU B 32 -14.35 -7.96 -35.06
CA LEU B 32 -15.28 -7.44 -36.06
C LEU B 32 -16.57 -8.25 -36.11
N LEU B 33 -16.48 -9.57 -36.01
CA LEU B 33 -17.62 -10.44 -36.24
C LEU B 33 -18.33 -10.87 -34.97
N MET B 34 -17.83 -10.48 -33.79
CA MET B 34 -18.39 -10.99 -32.54
C MET B 34 -18.57 -9.89 -31.49
N ASP B 35 -17.46 -9.28 -31.05
CA ASP B 35 -17.52 -8.36 -29.93
C ASP B 35 -18.22 -7.06 -30.29
N LEU B 36 -17.88 -6.49 -31.45
CA LEU B 36 -18.49 -5.22 -31.85
C LEU B 36 -19.94 -5.35 -32.26
N GLN B 37 -20.54 -6.54 -32.15
CA GLN B 37 -21.96 -6.69 -32.45
C GLN B 37 -22.82 -5.90 -31.47
N GLY B 38 -22.37 -5.76 -30.22
CA GLY B 38 -23.15 -5.04 -29.23
C GLY B 38 -23.12 -3.53 -29.39
N VAL B 39 -22.26 -3.01 -30.26
CA VAL B 39 -22.15 -1.57 -30.49
C VAL B 39 -22.60 -1.19 -31.90
N LEU B 40 -22.19 -1.95 -32.90
CA LEU B 40 -22.51 -1.62 -34.29
C LEU B 40 -23.93 -2.07 -34.63
N PRO B 41 -24.55 -1.45 -35.63
CA PRO B 41 -25.92 -1.82 -36.00
C PRO B 41 -26.00 -3.26 -36.48
N ARG B 42 -27.17 -3.87 -36.27
CA ARG B 42 -27.33 -5.29 -36.59
C ARG B 42 -27.35 -5.53 -38.10
N ASP B 43 -27.84 -4.56 -38.88
CA ASP B 43 -27.96 -4.76 -40.32
C ASP B 43 -26.62 -4.81 -41.04
N LEU B 44 -25.55 -4.38 -40.38
CA LEU B 44 -24.22 -4.60 -40.96
C LEU B 44 -23.84 -6.06 -40.99
N TYR B 45 -24.46 -6.90 -40.16
CA TYR B 45 -24.12 -8.31 -40.03
C TYR B 45 -25.15 -9.19 -40.71
N PRO B 46 -24.71 -10.20 -41.47
CA PRO B 46 -25.66 -11.15 -42.06
C PRO B 46 -26.39 -11.94 -41.00
N VAL B 47 -27.47 -12.60 -41.42
CA VAL B 47 -28.30 -13.35 -40.49
C VAL B 47 -27.52 -14.52 -39.89
N GLU B 48 -26.55 -15.04 -40.63
CA GLU B 48 -25.76 -16.17 -40.15
C GLU B 48 -24.89 -15.76 -38.96
N LEU B 49 -24.20 -14.63 -39.06
CA LEU B 49 -23.35 -14.18 -37.97
C LEU B 49 -24.18 -13.76 -36.75
N ARG B 50 -25.36 -13.20 -36.97
CA ARG B 50 -26.19 -12.77 -35.83
C ARG B 50 -26.63 -13.97 -35.00
N ASN B 51 -26.93 -15.09 -35.66
CA ASN B 51 -27.28 -16.29 -34.92
C ASN B 51 -26.05 -17.00 -34.37
N LEU B 52 -24.89 -16.85 -35.03
CA LEU B 52 -23.66 -17.37 -34.47
C LEU B 52 -23.34 -16.72 -33.14
N GLN B 53 -23.59 -15.41 -33.02
CA GLN B 53 -23.38 -14.72 -31.76
C GLN B 53 -24.32 -15.24 -30.68
N GLN B 54 -25.57 -15.53 -31.04
CA GLN B 54 -26.53 -16.05 -30.05
C GLN B 54 -26.15 -17.46 -29.60
N TRP B 55 -25.51 -18.25 -30.47
CA TRP B 55 -25.00 -19.55 -30.05
C TRP B 55 -23.99 -19.38 -28.93
N TYR B 56 -23.07 -18.42 -29.06
CA TYR B 56 -22.07 -18.20 -28.02
C TYR B 56 -22.72 -17.69 -26.73
N ILE B 57 -23.68 -16.77 -26.84
CA ILE B 57 -24.28 -16.18 -25.66
C ILE B 57 -25.14 -17.22 -24.92
N GLU B 58 -25.80 -18.10 -25.67
CA GLU B 58 -26.62 -19.12 -25.04
C GLU B 58 -25.76 -20.25 -24.46
N GLU B 59 -24.68 -20.62 -25.15
CA GLU B 59 -23.83 -21.69 -24.66
C GLU B 59 -23.03 -21.27 -23.42
N PHE B 60 -22.48 -20.05 -23.44
CA PHE B 60 -21.61 -19.59 -22.37
C PHE B 60 -22.31 -18.70 -21.37
N LYS B 61 -23.60 -18.41 -21.57
CA LYS B 61 -24.39 -17.58 -20.66
C LYS B 61 -23.72 -16.23 -20.40
N ASP B 62 -23.29 -15.60 -21.48
CA ASP B 62 -22.62 -14.31 -21.40
C ASP B 62 -23.65 -13.20 -21.28
N PRO B 63 -23.68 -12.45 -20.19
CA PRO B 63 -24.68 -11.37 -20.03
C PRO B 63 -24.21 -9.97 -20.39
N LEU B 64 -22.95 -9.78 -20.77
CA LEU B 64 -22.44 -8.44 -21.06
C LEU B 64 -22.53 -8.12 -22.54
N LEU B 65 -22.04 -9.01 -23.40
CA LEU B 65 -22.19 -8.81 -24.84
C LEU B 65 -23.64 -8.86 -25.29
N GLN B 66 -24.50 -9.53 -24.50
CA GLN B 66 -25.92 -9.60 -24.80
C GLN B 66 -26.56 -8.23 -24.75
N THR B 67 -26.63 -7.65 -23.54
CA THR B 67 -27.16 -6.30 -23.33
C THR B 67 -26.05 -5.45 -22.75
N PRO B 68 -25.31 -4.72 -23.58
CA PRO B 68 -24.11 -4.03 -23.09
C PRO B 68 -24.44 -2.91 -22.13
N PRO B 69 -23.95 -3.00 -20.88
CA PRO B 69 -24.09 -1.86 -19.96
C PRO B 69 -23.26 -0.67 -20.43
N ALA B 70 -23.52 0.48 -19.82
CA ALA B 70 -22.84 1.71 -20.22
C ALA B 70 -21.33 1.60 -20.05
N TRP B 71 -20.87 1.00 -18.94
CA TRP B 71 -19.44 0.87 -18.72
C TRP B 71 -18.82 -0.12 -19.71
N PHE B 72 -19.52 -1.22 -19.98
CA PHE B 72 -19.00 -2.22 -20.90
C PHE B 72 -19.09 -1.75 -22.34
N LYS B 73 -20.10 -0.94 -22.67
CA LYS B 73 -20.24 -0.41 -24.03
C LYS B 73 -19.15 0.61 -24.34
N SER B 74 -18.69 1.36 -23.33
CA SER B 74 -17.60 2.31 -23.55
C SER B 74 -16.31 1.59 -23.92
N PHE B 75 -16.09 0.41 -23.35
CA PHE B 75 -14.89 -0.36 -23.68
C PHE B 75 -14.96 -0.88 -25.11
N LEU B 76 -16.13 -1.35 -25.55
CA LEU B 76 -16.30 -1.80 -26.92
C LEU B 76 -16.01 -0.68 -27.92
N PHE B 77 -16.34 0.57 -27.57
CA PHE B 77 -16.00 1.68 -28.44
C PHE B 77 -14.50 1.91 -28.51
N CYS B 78 -13.79 1.65 -27.40
CA CYS B 78 -12.33 1.73 -27.42
C CYS B 78 -11.74 0.65 -28.33
N GLU B 79 -12.32 -0.55 -28.29
CA GLU B 79 -11.80 -1.65 -29.10
C GLU B 79 -11.91 -1.36 -30.58
N LEU B 80 -12.94 -0.61 -31.00
CA LEU B 80 -13.12 -0.27 -32.40
C LEU B 80 -12.21 0.87 -32.84
N VAL B 81 -12.04 1.88 -32.00
CA VAL B 81 -11.34 3.09 -32.40
C VAL B 81 -9.83 2.97 -32.21
N PHE B 82 -9.38 2.37 -31.11
CA PHE B 82 -7.97 2.32 -30.78
C PHE B 82 -7.33 0.96 -30.95
N GLN B 83 -7.99 -0.11 -30.52
CA GLN B 83 -7.38 -1.44 -30.58
C GLN B 83 -7.42 -2.00 -31.99
N LEU B 84 -8.58 -1.95 -32.65
CA LEU B 84 -8.70 -2.55 -33.98
C LEU B 84 -7.73 -1.97 -35.00
N PRO B 85 -7.49 -0.66 -35.08
CA PRO B 85 -6.44 -0.17 -35.99
C PRO B 85 -5.05 -0.61 -35.58
N PHE B 86 -4.82 -0.93 -34.32
CA PHE B 86 -3.50 -1.34 -33.84
C PHE B 86 -3.20 -2.80 -34.12
N PHE B 87 -4.22 -3.64 -34.27
CA PHE B 87 -3.98 -5.08 -34.46
C PHE B 87 -3.17 -5.39 -35.71
N PRO B 88 -3.50 -4.85 -36.91
CA PRO B 88 -2.68 -5.19 -38.07
C PRO B 88 -1.26 -4.65 -37.98
N ILE B 89 -1.07 -3.52 -37.31
CA ILE B 89 0.27 -2.95 -37.17
C ILE B 89 1.11 -3.85 -36.25
N ALA B 90 0.53 -4.31 -35.15
CA ALA B 90 1.24 -5.19 -34.24
C ALA B 90 1.48 -6.56 -34.85
N ALA B 91 0.55 -7.04 -35.68
CA ALA B 91 0.74 -8.34 -36.32
C ALA B 91 1.92 -8.31 -37.29
N TYR B 92 2.08 -7.20 -38.01
CA TYR B 92 3.22 -7.08 -38.93
C TYR B 92 4.53 -6.97 -38.17
N ALA B 93 4.56 -6.16 -37.10
CA ALA B 93 5.81 -5.90 -36.40
C ALA B 93 6.34 -7.18 -35.74
N PHE B 94 5.47 -7.98 -35.16
CA PHE B 94 5.91 -9.18 -34.47
C PHE B 94 6.13 -10.36 -35.41
N PHE B 95 5.55 -10.33 -36.61
CA PHE B 95 5.83 -11.36 -37.60
C PHE B 95 7.15 -11.10 -38.31
N LYS B 96 7.47 -9.83 -38.58
CA LYS B 96 8.73 -9.52 -39.26
C LYS B 96 9.90 -9.52 -38.28
N GLY B 97 9.71 -8.96 -37.09
CA GLY B 97 10.78 -8.91 -36.11
C GLY B 97 11.71 -7.73 -36.33
N GLY B 98 12.36 -7.27 -35.26
CA GLY B 98 13.26 -6.14 -35.35
C GLY B 98 12.59 -4.78 -35.39
N CYS B 99 11.27 -4.71 -35.21
CA CYS B 99 10.55 -3.44 -35.23
C CYS B 99 10.51 -2.88 -33.82
N LYS B 100 11.52 -2.09 -33.48
CA LYS B 100 11.60 -1.53 -32.14
C LYS B 100 10.57 -0.43 -31.89
N TRP B 101 10.00 0.16 -32.96
CA TRP B 101 9.03 1.24 -32.82
C TRP B 101 7.72 0.77 -32.20
N ILE B 102 7.48 -0.54 -32.10
CA ILE B 102 6.24 -1.06 -31.52
C ILE B 102 6.28 -1.11 -30.00
N ARG B 103 7.41 -0.75 -29.38
CA ARG B 103 7.57 -0.92 -27.93
C ARG B 103 6.54 -0.12 -27.15
N THR B 104 6.59 1.22 -27.27
CA THR B 104 5.65 2.06 -26.54
C THR B 104 4.19 1.80 -26.92
N PRO B 105 3.82 1.65 -28.20
CA PRO B 105 2.42 1.31 -28.49
C PRO B 105 1.96 0.00 -27.88
N ALA B 106 2.80 -1.04 -27.90
CA ALA B 106 2.40 -2.32 -27.33
C ALA B 106 2.19 -2.21 -25.82
N ILE B 107 3.01 -1.42 -25.14
CA ILE B 107 2.81 -1.19 -23.71
C ILE B 107 1.48 -0.49 -23.47
N ILE B 108 1.18 0.52 -24.30
CA ILE B 108 -0.09 1.22 -24.18
C ILE B 108 -1.27 0.27 -24.38
N TYR B 109 -1.18 -0.59 -25.40
CA TYR B 109 -2.24 -1.57 -25.65
C TYR B 109 -2.38 -2.55 -24.49
N SER B 110 -1.26 -3.03 -23.95
CA SER B 110 -1.32 -4.05 -22.91
C SER B 110 -1.97 -3.53 -21.64
N VAL B 111 -1.55 -2.35 -21.18
CA VAL B 111 -2.11 -1.79 -19.96
C VAL B 111 -3.58 -1.46 -20.16
N HIS B 112 -3.95 -0.96 -21.35
CA HIS B 112 -5.34 -0.61 -21.64
C HIS B 112 -6.24 -1.84 -21.66
N THR B 113 -5.77 -2.92 -22.27
CA THR B 113 -6.59 -4.13 -22.35
C THR B 113 -6.67 -4.83 -20.99
N MET B 114 -5.57 -4.85 -20.25
CA MET B 114 -5.59 -5.46 -18.91
C MET B 114 -6.53 -4.70 -17.99
N THR B 115 -6.57 -3.38 -18.12
CA THR B 115 -7.46 -2.58 -17.28
C THR B 115 -8.92 -2.77 -17.65
N THR B 116 -9.22 -3.03 -18.93
CA THR B 116 -10.61 -3.24 -19.32
C THR B 116 -11.16 -4.57 -18.80
N LEU B 117 -10.31 -5.60 -18.68
CA LEU B 117 -10.80 -6.91 -18.29
C LEU B 117 -10.97 -7.06 -16.78
N ILE B 118 -10.25 -6.28 -15.98
CA ILE B 118 -10.38 -6.40 -14.52
C ILE B 118 -11.82 -6.20 -14.06
N PRO B 119 -12.53 -5.14 -14.47
CA PRO B 119 -13.95 -5.05 -14.08
C PRO B 119 -14.81 -6.12 -14.74
N ILE B 120 -14.41 -6.63 -15.91
CA ILE B 120 -15.18 -7.67 -16.57
C ILE B 120 -15.08 -8.98 -15.81
N LEU B 121 -13.85 -9.39 -15.47
CA LEU B 121 -13.66 -10.62 -14.70
C LEU B 121 -14.29 -10.50 -13.32
N SER B 122 -14.24 -9.31 -12.72
CA SER B 122 -14.83 -9.12 -11.40
C SER B 122 -16.36 -9.18 -11.46
N THR B 123 -16.94 -8.65 -12.54
CA THR B 123 -18.39 -8.69 -12.68
C THR B 123 -18.90 -10.11 -12.87
N LEU B 124 -18.23 -10.89 -13.71
CA LEU B 124 -18.69 -12.25 -13.99
C LEU B 124 -18.52 -13.16 -12.79
N LEU B 125 -17.56 -12.88 -11.91
CA LEU B 125 -17.26 -13.81 -10.84
C LEU B 125 -18.12 -13.57 -9.61
N LEU B 126 -18.49 -12.32 -9.35
CA LEU B 126 -19.11 -11.95 -8.07
C LEU B 126 -20.55 -11.46 -8.19
N ASP B 127 -20.93 -10.84 -9.30
CA ASP B 127 -22.26 -10.26 -9.40
C ASP B 127 -23.33 -11.37 -9.51
N ASP B 128 -24.54 -11.00 -9.11
CA ASP B 128 -25.72 -11.83 -9.25
C ASP B 128 -26.46 -11.47 -10.53
N PHE B 129 -26.93 -12.49 -11.25
CA PHE B 129 -27.57 -12.29 -12.55
C PHE B 129 -29.01 -12.79 -12.55
N SER B 130 -29.64 -12.88 -11.38
CA SER B 130 -31.05 -13.27 -11.31
C SER B 130 -31.92 -12.03 -11.38
N LYS B 131 -33.21 -12.18 -11.10
CA LYS B 131 -34.10 -11.03 -11.03
C LYS B 131 -33.66 -10.10 -9.90
N ALA B 132 -34.25 -8.91 -9.88
CA ALA B 132 -33.87 -7.76 -9.06
C ALA B 132 -32.52 -7.18 -9.47
N SER B 133 -31.85 -7.77 -10.46
CA SER B 133 -30.67 -7.19 -11.09
C SER B 133 -31.06 -6.68 -12.47
N HIS B 134 -30.30 -5.69 -12.98
CA HIS B 134 -30.59 -5.14 -14.29
C HIS B 134 -30.61 -6.22 -15.36
N PHE B 135 -29.70 -7.17 -15.28
CA PHE B 135 -29.74 -8.34 -16.17
C PHE B 135 -30.95 -9.20 -15.81
N ARG B 136 -31.80 -9.46 -16.81
CA ARG B 136 -32.99 -10.28 -16.62
C ARG B 136 -32.95 -11.43 -17.63
N GLY B 137 -33.19 -12.64 -17.13
CA GLY B 137 -33.15 -13.81 -17.98
C GLY B 137 -31.80 -14.04 -18.65
N GLN B 138 -30.71 -13.79 -17.93
CA GLN B 138 -29.38 -13.92 -18.50
C GLN B 138 -28.36 -13.98 -17.38
N GLY B 139 -27.21 -14.57 -17.68
CA GLY B 139 -26.10 -14.60 -16.76
C GLY B 139 -25.85 -15.96 -16.14
N PRO B 140 -24.61 -16.21 -15.73
CA PRO B 140 -24.30 -17.48 -15.07
C PRO B 140 -24.89 -17.52 -13.65
N LYS B 141 -25.34 -18.71 -13.27
CA LYS B 141 -25.98 -18.91 -11.96
C LYS B 141 -25.15 -19.73 -10.99
N THR B 142 -24.33 -20.66 -11.48
CA THR B 142 -23.51 -21.51 -10.63
C THR B 142 -22.05 -21.12 -10.76
N PHE B 143 -21.23 -21.73 -9.90
CA PHE B 143 -19.79 -21.46 -9.95
C PHE B 143 -19.16 -22.08 -11.20
N GLN B 144 -19.70 -23.19 -11.69
CA GLN B 144 -19.17 -23.80 -12.90
C GLN B 144 -19.39 -22.89 -14.10
N GLU B 145 -20.60 -22.34 -14.23
CA GLU B 145 -20.92 -21.48 -15.36
C GLU B 145 -20.14 -20.17 -15.31
N ARG B 146 -19.81 -19.68 -14.11
CA ARG B 146 -19.01 -18.46 -14.01
C ARG B 146 -17.58 -18.72 -14.47
N LEU B 147 -16.99 -19.84 -14.05
CA LEU B 147 -15.64 -20.18 -14.49
C LEU B 147 -15.61 -20.57 -15.96
N PHE B 148 -16.69 -21.17 -16.47
CA PHE B 148 -16.74 -21.53 -17.88
C PHE B 148 -16.70 -20.30 -18.77
N LEU B 149 -17.24 -19.19 -18.29
CA LEU B 149 -17.21 -17.92 -19.04
C LEU B 149 -15.93 -17.14 -18.82
N ILE B 150 -15.32 -17.25 -17.65
CA ILE B 150 -14.09 -16.54 -17.37
C ILE B 150 -12.94 -17.07 -18.22
N SER B 151 -12.93 -18.39 -18.45
CA SER B 151 -11.88 -18.98 -19.28
C SER B 151 -11.90 -18.45 -20.71
N VAL B 152 -13.04 -17.93 -21.16
CA VAL B 152 -13.13 -17.36 -22.49
C VAL B 152 -12.55 -15.96 -22.54
N TYR B 153 -12.64 -15.21 -21.45
CA TYR B 153 -12.08 -13.87 -21.39
C TYR B 153 -10.64 -13.84 -20.91
N ILE B 154 -10.19 -14.85 -20.18
CA ILE B 154 -8.91 -14.81 -19.47
C ILE B 154 -7.70 -14.71 -20.41
N PRO B 155 -7.72 -15.20 -21.66
CA PRO B 155 -6.55 -14.98 -22.52
C PRO B 155 -6.28 -13.52 -22.83
N TYR B 156 -7.32 -12.67 -22.84
CA TYR B 156 -7.14 -11.27 -23.16
C TYR B 156 -6.70 -10.44 -21.96
N PHE B 157 -6.42 -11.09 -20.83
CA PHE B 157 -5.68 -10.47 -19.73
C PHE B 157 -4.29 -11.04 -19.55
N LEU B 158 -4.12 -12.34 -19.82
CA LEU B 158 -2.81 -12.97 -19.66
C LEU B 158 -1.88 -12.61 -20.82
N ILE B 159 -2.38 -12.68 -22.05
CA ILE B 159 -1.53 -12.37 -23.21
C ILE B 159 -1.09 -10.90 -23.20
N PRO B 160 -1.95 -9.92 -22.95
CA PRO B 160 -1.44 -8.55 -22.77
C PRO B 160 -0.44 -8.41 -21.64
N LEU B 161 -0.64 -9.14 -20.54
CA LEU B 161 0.33 -9.13 -19.45
C LEU B 161 1.69 -9.66 -19.91
N ILE B 162 1.68 -10.76 -20.68
CA ILE B 162 2.92 -11.29 -21.22
C ILE B 162 3.57 -10.29 -22.15
N LEU B 163 2.78 -9.65 -23.01
CA LEU B 163 3.34 -8.64 -23.91
C LEU B 163 3.93 -7.48 -23.14
N LEU B 164 3.26 -7.04 -22.08
CA LEU B 164 3.76 -5.93 -21.28
C LEU B 164 5.11 -6.26 -20.67
N LEU B 165 5.22 -7.43 -20.03
CA LEU B 165 6.49 -7.85 -19.45
C LEU B 165 7.56 -8.03 -20.52
N PHE B 166 7.16 -8.53 -21.69
CA PHE B 166 8.11 -8.75 -22.77
C PHE B 166 8.69 -7.43 -23.29
N MET B 167 7.83 -6.42 -23.48
CA MET B 167 8.27 -5.17 -24.09
C MET B 167 9.12 -4.33 -23.15
N VAL B 168 8.86 -4.39 -21.84
CA VAL B 168 9.56 -3.53 -20.91
C VAL B 168 11.00 -3.98 -20.69
N ARG B 169 11.24 -5.29 -20.65
CA ARG B 169 12.53 -5.83 -20.25
C ARG B 169 13.38 -6.33 -21.42
N ASN B 170 12.86 -6.32 -22.65
CA ASN B 170 13.61 -6.84 -23.78
C ASN B 170 14.61 -5.81 -24.28
N PRO B 171 15.91 -6.11 -24.27
CA PRO B 171 16.89 -5.13 -24.78
C PRO B 171 16.79 -4.88 -26.27
N TYR B 172 16.20 -5.79 -27.03
CA TYR B 172 16.12 -5.60 -28.48
C TYR B 172 15.04 -4.60 -28.87
N TYR B 173 14.00 -4.44 -28.05
CA TYR B 173 12.95 -3.48 -28.32
C TYR B 173 13.15 -2.15 -27.60
N LYS B 174 14.24 -2.00 -26.85
CA LYS B 174 14.51 -0.75 -26.15
C LYS B 174 15.54 0.09 -26.88
N MET C 7 -3.68 9.25 50.78
CA MET C 7 -4.60 8.64 51.73
C MET C 7 -4.00 7.39 52.37
N GLY C 8 -3.42 6.52 51.55
CA GLY C 8 -2.97 5.21 51.98
C GLY C 8 -4.05 4.16 51.78
N THR C 9 -5.29 4.51 52.11
CA THR C 9 -6.46 3.70 51.76
C THR C 9 -6.86 3.88 50.30
N LEU C 10 -5.98 4.45 49.48
CA LEU C 10 -6.31 4.68 48.09
C LEU C 10 -6.54 3.39 47.33
N GLY C 11 -5.71 2.38 47.60
CA GLY C 11 -5.78 1.13 46.88
C GLY C 11 -4.67 1.00 45.86
N ALA C 12 -4.24 -0.24 45.62
CA ALA C 12 -3.13 -0.47 44.71
C ALA C 12 -3.51 -0.14 43.28
N ARG C 13 -4.73 -0.51 42.87
CA ARG C 13 -5.18 -0.21 41.52
C ARG C 13 -5.39 1.28 41.32
N ARG C 14 -6.12 1.92 42.24
CA ARG C 14 -6.31 3.36 42.15
C ARG C 14 -4.99 4.10 42.32
N GLY C 15 -4.08 3.56 43.14
CA GLY C 15 -2.77 4.17 43.27
C GLY C 15 -1.94 4.07 42.00
N LEU C 16 -2.09 2.97 41.25
CA LEU C 16 -1.39 2.86 39.98
C LEU C 16 -1.96 3.82 38.94
N GLU C 17 -3.27 4.05 38.97
CA GLU C 17 -3.90 4.95 38.00
C GLU C 17 -3.41 6.38 38.18
N TRP C 18 -3.30 6.83 39.44
CA TRP C 18 -2.72 8.15 39.70
C TRP C 18 -1.28 8.22 39.21
N PHE C 19 -0.50 7.17 39.45
CA PHE C 19 0.88 7.15 38.97
C PHE C 19 0.94 7.25 37.45
N LEU C 20 0.06 6.52 36.76
CA LEU C 20 0.02 6.62 35.30
C LEU C 20 -0.40 8.00 34.85
N GLY C 21 -1.24 8.68 35.63
CA GLY C 21 -1.65 10.03 35.27
C GLY C 21 -0.49 11.01 35.29
N PHE C 22 0.31 10.98 36.36
CA PHE C 22 1.46 11.87 36.44
C PHE C 22 2.59 11.44 35.50
N TYR C 23 2.62 10.17 35.09
CA TYR C 23 3.58 9.75 34.07
C TYR C 23 3.28 10.44 32.73
N PHE C 24 2.02 10.43 32.32
CA PHE C 24 1.63 11.09 31.08
C PHE C 24 1.59 12.60 31.21
N LEU C 25 1.22 13.12 32.38
CA LEU C 25 1.19 14.57 32.57
C LEU C 25 2.58 15.16 32.49
N SER C 26 3.53 14.57 33.22
CA SER C 26 4.90 15.09 33.21
C SER C 26 5.63 14.77 31.91
N HIS C 27 5.11 13.84 31.09
CA HIS C 27 5.77 13.49 29.85
C HIS C 27 5.70 14.61 28.82
N ILE C 28 4.77 15.55 28.98
CA ILE C 28 4.58 16.63 28.02
C ILE C 28 5.73 17.63 28.12
N PRO C 29 6.03 18.21 29.30
CA PRO C 29 7.19 19.10 29.37
C PRO C 29 8.50 18.37 29.12
N ILE C 30 8.58 17.10 29.48
CA ILE C 30 9.80 16.32 29.28
C ILE C 30 10.07 16.11 27.79
N THR C 31 9.02 15.83 27.01
CA THR C 31 9.18 15.64 25.58
C THR C 31 9.43 16.97 24.87
N LEU C 32 8.68 18.01 25.24
CA LEU C 32 8.77 19.28 24.51
C LEU C 32 10.07 20.01 24.81
N LEU C 33 10.51 19.99 26.06
CA LEU C 33 11.65 20.80 26.48
C LEU C 33 12.98 20.07 26.43
N MET C 34 12.99 18.75 26.20
CA MET C 34 14.24 18.01 26.31
C MET C 34 14.42 17.00 25.18
N ASP C 35 13.38 16.23 24.88
CA ASP C 35 13.52 15.13 23.93
C ASP C 35 13.61 15.64 22.49
N LEU C 36 12.73 16.56 22.12
CA LEU C 36 12.62 16.99 20.73
C LEU C 36 13.68 18.02 20.34
N GLN C 37 14.69 18.27 21.17
CA GLN C 37 15.72 19.23 20.79
C GLN C 37 16.63 18.70 19.68
N GLY C 38 16.69 17.39 19.50
CA GLY C 38 17.48 16.84 18.40
C GLY C 38 16.81 16.89 17.05
N VAL C 39 15.55 17.34 17.00
CA VAL C 39 14.79 17.40 15.76
C VAL C 39 14.25 18.81 15.54
N LEU C 40 13.80 19.45 16.62
CA LEU C 40 13.27 20.80 16.51
C LEU C 40 14.41 21.82 16.44
N PRO C 41 14.17 22.96 15.80
CA PRO C 41 15.24 23.96 15.66
C PRO C 41 15.67 24.54 17.00
N ARG C 42 16.93 24.98 17.05
CA ARG C 42 17.46 25.58 18.27
C ARG C 42 16.69 26.84 18.65
N ASP C 43 16.28 27.63 17.65
CA ASP C 43 15.73 28.95 17.90
C ASP C 43 14.42 28.87 18.69
N LEU C 44 13.67 27.78 18.54
CA LEU C 44 12.45 27.61 19.30
C LEU C 44 12.71 27.48 20.80
N TYR C 45 13.97 27.19 21.20
CA TYR C 45 14.35 27.03 22.60
C TYR C 45 15.16 28.23 23.07
N PRO C 46 14.91 28.70 24.29
CA PRO C 46 15.75 29.76 24.87
C PRO C 46 17.17 29.25 25.11
N VAL C 47 18.07 30.19 25.36
CA VAL C 47 19.49 29.85 25.45
C VAL C 47 19.76 28.96 26.66
N GLU C 48 19.11 29.24 27.79
CA GLU C 48 19.42 28.52 29.02
C GLU C 48 18.93 27.07 28.97
N LEU C 49 17.84 26.81 28.24
CA LEU C 49 17.39 25.42 28.09
C LEU C 49 18.28 24.64 27.12
N ARG C 50 18.88 25.33 26.15
CA ARG C 50 19.85 24.66 25.28
C ARG C 50 21.15 24.40 26.02
N ASN C 51 21.64 25.39 26.76
CA ASN C 51 22.84 25.19 27.57
C ASN C 51 22.62 24.14 28.64
N LEU C 52 21.39 24.03 29.16
CA LEU C 52 21.10 22.99 30.14
C LEU C 52 21.19 21.60 29.51
N GLN C 53 20.72 21.47 28.26
CA GLN C 53 20.84 20.18 27.60
C GLN C 53 22.30 19.83 27.31
N GLN C 54 23.13 20.84 27.00
CA GLN C 54 24.55 20.59 26.83
C GLN C 54 25.18 20.09 28.12
N TRP C 55 24.68 20.53 29.27
CA TRP C 55 25.16 20.02 30.55
C TRP C 55 24.87 18.53 30.68
N TYR C 56 23.66 18.12 30.31
CA TYR C 56 23.29 16.71 30.41
C TYR C 56 24.13 15.86 29.46
N ILE C 57 24.33 16.32 28.23
CA ILE C 57 25.06 15.54 27.23
C ILE C 57 26.52 15.41 27.60
N GLU C 58 27.10 16.44 28.23
CA GLU C 58 28.51 16.40 28.59
C GLU C 58 28.72 15.68 29.91
N GLU C 59 27.93 16.00 30.94
CA GLU C 59 28.13 15.42 32.25
C GLU C 59 27.78 13.93 32.28
N PHE C 60 26.83 13.50 31.47
CA PHE C 60 26.34 12.14 31.51
C PHE C 60 26.64 11.35 30.23
N LYS C 61 27.33 11.95 29.27
CA LYS C 61 27.85 11.24 28.10
C LYS C 61 26.73 10.56 27.31
N ASP C 62 25.64 11.29 27.08
CA ASP C 62 24.55 10.78 26.26
C ASP C 62 24.94 10.85 24.79
N PRO C 63 25.05 9.71 24.10
CA PRO C 63 25.45 9.73 22.68
C PRO C 63 24.30 9.86 21.68
N LEU C 64 23.06 9.97 22.15
CA LEU C 64 21.90 9.90 21.26
C LEU C 64 21.15 11.21 21.09
N LEU C 65 21.14 12.08 22.10
CA LEU C 65 20.24 13.23 22.06
C LEU C 65 20.76 14.34 21.14
N GLN C 66 22.00 14.79 21.36
CA GLN C 66 22.51 15.95 20.64
C GLN C 66 22.56 15.68 19.14
N THR C 67 23.36 14.70 18.72
CA THR C 67 23.41 14.30 17.33
C THR C 67 22.67 12.99 17.16
N PRO C 68 21.38 13.01 16.85
CA PRO C 68 20.59 11.78 16.82
C PRO C 68 20.83 11.01 15.54
N PRO C 69 21.08 9.70 15.63
CA PRO C 69 21.15 8.87 14.43
C PRO C 69 19.81 8.85 13.70
N ALA C 70 19.84 8.33 12.47
CA ALA C 70 18.63 8.29 11.66
C ALA C 70 17.55 7.42 12.29
N TRP C 71 17.95 6.29 12.88
CA TRP C 71 16.96 5.43 13.53
C TRP C 71 16.39 6.09 14.77
N PHE C 72 17.22 6.83 15.51
CA PHE C 72 16.73 7.52 16.71
C PHE C 72 15.85 8.71 16.34
N LYS C 73 16.13 9.36 15.21
CA LYS C 73 15.31 10.48 14.76
C LYS C 73 13.90 10.03 14.38
N SER C 74 13.79 8.82 13.79
CA SER C 74 12.47 8.34 13.39
C SER C 74 11.56 8.17 14.60
N PHE C 75 12.13 7.76 15.74
CA PHE C 75 11.34 7.61 16.96
C PHE C 75 10.97 8.97 17.56
N LEU C 76 11.84 9.96 17.44
CA LEU C 76 11.51 11.30 17.93
C LEU C 76 10.34 11.89 17.16
N PHE C 77 10.26 11.64 15.86
CA PHE C 77 9.09 12.10 15.10
C PHE C 77 7.84 11.36 15.50
N CYS C 78 7.93 10.06 15.77
CA CYS C 78 6.79 9.32 16.29
C CYS C 78 6.36 9.86 17.65
N GLU C 79 7.33 10.23 18.48
CA GLU C 79 7.01 10.81 19.79
C GLU C 79 6.26 12.12 19.64
N LEU C 80 6.62 12.92 18.63
CA LEU C 80 5.97 14.20 18.42
C LEU C 80 4.58 14.04 17.80
N VAL C 81 4.47 13.22 16.75
CA VAL C 81 3.22 13.13 16.01
C VAL C 81 2.21 12.26 16.75
N PHE C 82 2.63 11.09 17.22
CA PHE C 82 1.71 10.11 17.80
C PHE C 82 1.65 10.19 19.32
N GLN C 83 2.80 10.26 19.99
CA GLN C 83 2.82 10.12 21.45
C GLN C 83 2.37 11.39 22.16
N LEU C 84 2.82 12.55 21.68
CA LEU C 84 2.50 13.80 22.38
C LEU C 84 1.01 14.11 22.41
N PRO C 85 0.26 14.02 21.30
CA PRO C 85 -1.19 14.24 21.40
C PRO C 85 -1.91 13.22 22.26
N PHE C 86 -1.32 12.04 22.48
CA PHE C 86 -1.97 11.02 23.29
C PHE C 86 -1.80 11.27 24.78
N PHE C 87 -0.73 11.97 25.18
CA PHE C 87 -0.48 12.21 26.60
C PHE C 87 -1.64 12.92 27.29
N PRO C 88 -2.21 14.01 26.77
CA PRO C 88 -3.32 14.66 27.50
C PRO C 88 -4.55 13.78 27.64
N ILE C 89 -4.88 13.02 26.60
CA ILE C 89 -6.03 12.12 26.68
C ILE C 89 -5.77 11.02 27.71
N ALA C 90 -4.56 10.45 27.70
CA ALA C 90 -4.24 9.39 28.64
C ALA C 90 -4.15 9.90 30.06
N ALA C 91 -3.61 11.12 30.24
CA ALA C 91 -3.52 11.68 31.58
C ALA C 91 -4.90 11.88 32.19
N TYR C 92 -5.87 12.30 31.39
CA TYR C 92 -7.22 12.50 31.90
C TYR C 92 -7.89 11.17 32.23
N ALA C 93 -7.67 10.14 31.40
CA ALA C 93 -8.39 8.88 31.56
C ALA C 93 -8.00 8.15 32.84
N PHE C 94 -6.74 8.26 33.26
CA PHE C 94 -6.29 7.58 34.47
C PHE C 94 -6.52 8.41 35.72
N PHE C 95 -6.54 9.74 35.61
CA PHE C 95 -6.92 10.57 36.74
C PHE C 95 -8.38 10.35 37.10
N LYS C 96 -9.25 10.34 36.10
CA LYS C 96 -10.66 10.05 36.35
C LYS C 96 -10.86 8.59 36.76
N GLY C 97 -10.29 7.67 36.00
CA GLY C 97 -10.39 6.25 36.30
C GLY C 97 -11.66 5.62 35.77
N GLY C 98 -11.62 4.32 35.51
CA GLY C 98 -12.79 3.64 34.99
C GLY C 98 -13.10 3.93 33.55
N CYS C 99 -12.16 4.50 32.80
CA CYS C 99 -12.37 4.82 31.39
C CYS C 99 -11.98 3.60 30.55
N LYS C 100 -12.99 2.82 30.16
CA LYS C 100 -12.74 1.63 29.35
C LYS C 100 -12.28 1.97 27.95
N TRP C 101 -12.56 3.18 27.46
CA TRP C 101 -12.20 3.57 26.10
C TRP C 101 -10.71 3.85 25.93
N ILE C 102 -9.90 3.68 26.98
CA ILE C 102 -8.47 3.89 26.86
C ILE C 102 -7.69 2.58 26.79
N ARG C 103 -8.35 1.44 26.97
CA ARG C 103 -7.65 0.15 27.02
C ARG C 103 -6.85 -0.10 25.75
N THR C 104 -7.54 -0.22 24.62
CA THR C 104 -6.86 -0.48 23.36
C THR C 104 -5.87 0.63 22.97
N PRO C 105 -6.16 1.93 23.15
CA PRO C 105 -5.11 2.93 22.89
C PRO C 105 -3.90 2.79 23.80
N ALA C 106 -4.12 2.49 25.08
CA ALA C 106 -2.99 2.34 26.00
C ALA C 106 -2.14 1.13 25.65
N ILE C 107 -2.77 0.06 25.16
CA ILE C 107 -2.02 -1.11 24.71
C ILE C 107 -1.17 -0.75 23.49
N ILE C 108 -1.74 0.03 22.56
CA ILE C 108 -1.00 0.42 21.36
C ILE C 108 0.18 1.30 21.74
N TYR C 109 -0.04 2.29 22.60
CA TYR C 109 1.04 3.16 23.05
C TYR C 109 2.13 2.37 23.77
N SER C 110 1.72 1.44 24.64
CA SER C 110 2.68 0.71 25.45
C SER C 110 3.62 -0.12 24.58
N VAL C 111 3.07 -0.84 23.61
CA VAL C 111 3.90 -1.66 22.73
C VAL C 111 4.82 -0.78 21.89
N HIS C 112 4.30 0.33 21.38
CA HIS C 112 5.12 1.25 20.60
C HIS C 112 6.25 1.83 21.45
N THR C 113 5.96 2.15 22.72
CA THR C 113 6.96 2.76 23.58
C THR C 113 7.94 1.74 24.14
N MET C 114 7.48 0.51 24.40
CA MET C 114 8.42 -0.54 24.77
C MET C 114 9.35 -0.88 23.61
N THR C 115 8.83 -0.87 22.39
CA THR C 115 9.64 -1.25 21.24
C THR C 115 10.68 -0.19 20.90
N THR C 116 10.38 1.08 21.17
CA THR C 116 11.33 2.14 20.79
C THR C 116 12.53 2.19 21.72
N LEU C 117 12.44 1.61 22.92
CA LEU C 117 13.55 1.67 23.87
C LEU C 117 14.39 0.41 23.89
N ILE C 118 13.93 -0.68 23.29
CA ILE C 118 14.78 -1.87 23.17
C ILE C 118 16.06 -1.58 22.39
N PRO C 119 16.02 -0.92 21.22
CA PRO C 119 17.30 -0.56 20.56
C PRO C 119 18.04 0.56 21.25
N ILE C 120 17.37 1.37 22.09
CA ILE C 120 18.05 2.44 22.80
C ILE C 120 18.82 1.91 23.99
N LEU C 121 18.17 1.07 24.80
CA LEU C 121 18.87 0.47 25.93
C LEU C 121 19.98 -0.48 25.46
N SER C 122 19.80 -1.12 24.31
CA SER C 122 20.82 -2.04 23.81
C SER C 122 22.07 -1.28 23.38
N THR C 123 21.89 -0.17 22.67
CA THR C 123 23.05 0.62 22.24
C THR C 123 23.78 1.23 23.42
N LEU C 124 23.03 1.67 24.45
CA LEU C 124 23.66 2.21 25.64
C LEU C 124 24.43 1.15 26.41
N LEU C 125 24.01 -0.11 26.33
CA LEU C 125 24.59 -1.16 27.15
C LEU C 125 25.72 -1.90 26.44
N LEU C 126 25.64 -2.07 25.12
CA LEU C 126 26.52 -2.98 24.41
C LEU C 126 27.39 -2.34 23.34
N ASP C 127 26.95 -1.23 22.74
CA ASP C 127 27.71 -0.63 21.65
C ASP C 127 28.91 0.13 22.21
N ASP C 128 30.02 0.07 21.47
CA ASP C 128 31.26 0.71 21.90
C ASP C 128 31.36 2.11 21.32
N PHE C 129 31.66 3.08 22.18
CA PHE C 129 31.86 4.46 21.77
C PHE C 129 33.30 4.92 21.89
N SER C 130 34.21 4.06 22.35
CA SER C 130 35.62 4.40 22.37
C SER C 130 36.17 4.53 20.95
N LYS C 131 35.70 3.68 20.04
CA LYS C 131 36.05 3.78 18.64
C LYS C 131 35.07 4.71 17.92
N ALA C 132 35.43 5.09 16.70
CA ALA C 132 34.60 5.99 15.92
C ALA C 132 33.43 5.24 15.28
N GLN C 138 31.05 12.08 22.52
CA GLN C 138 31.59 11.38 23.68
C GLN C 138 30.54 10.50 24.34
N GLY C 139 30.53 9.22 23.95
CA GLY C 139 29.62 8.26 24.54
C GLY C 139 30.16 7.68 25.83
N PRO C 140 29.33 6.88 26.49
CA PRO C 140 29.76 6.27 27.75
C PRO C 140 30.78 5.17 27.52
N LYS C 141 31.72 5.05 28.44
CA LYS C 141 32.77 4.04 28.37
C LYS C 141 32.73 3.08 29.54
N THR C 142 32.66 3.60 30.76
CA THR C 142 32.63 2.72 31.93
C THR C 142 31.26 2.07 32.07
N PHE C 143 31.22 0.99 32.86
CA PHE C 143 29.93 0.37 33.17
C PHE C 143 29.07 1.29 34.03
N GLN C 144 29.70 2.14 34.85
CA GLN C 144 28.94 3.08 35.66
C GLN C 144 28.34 4.19 34.81
N GLU C 145 29.07 4.64 33.79
CA GLU C 145 28.54 5.67 32.90
C GLU C 145 27.34 5.15 32.12
N ARG C 146 27.43 3.91 31.62
CA ARG C 146 26.30 3.31 30.91
C ARG C 146 25.11 3.10 31.85
N LEU C 147 25.40 2.76 33.12
CA LEU C 147 24.33 2.41 34.04
C LEU C 147 23.52 3.63 34.45
N PHE C 148 24.18 4.76 34.71
CA PHE C 148 23.44 5.98 35.01
C PHE C 148 22.58 6.39 33.83
N LEU C 149 23.10 6.24 32.61
CA LEU C 149 22.32 6.55 31.42
C LEU C 149 21.14 5.60 31.28
N ILE C 150 21.33 4.33 31.61
CA ILE C 150 20.25 3.36 31.49
C ILE C 150 19.15 3.66 32.51
N SER C 151 19.52 4.00 33.74
CA SER C 151 18.52 4.36 34.74
C SER C 151 17.70 5.57 34.32
N VAL C 152 18.22 6.38 33.40
CA VAL C 152 17.50 7.56 32.93
C VAL C 152 16.53 7.23 31.79
N TYR C 153 16.83 6.18 31.00
CA TYR C 153 15.95 5.75 29.92
C TYR C 153 15.02 4.61 30.32
N ILE C 154 15.38 3.84 31.34
CA ILE C 154 14.65 2.62 31.72
C ILE C 154 13.23 2.89 32.23
N PRO C 155 12.90 4.04 32.86
CA PRO C 155 11.50 4.19 33.32
C PRO C 155 10.49 4.18 32.19
N TYR C 156 10.83 4.74 31.04
CA TYR C 156 9.89 4.81 29.92
C TYR C 156 9.75 3.47 29.19
N PHE C 157 10.42 2.42 29.67
CA PHE C 157 10.16 1.06 29.21
C PHE C 157 9.35 0.27 30.22
N LEU C 158 9.70 0.38 31.51
CA LEU C 158 9.04 -0.39 32.56
C LEU C 158 7.64 0.12 32.88
N ILE C 159 7.42 1.43 32.78
CA ILE C 159 6.10 2.00 33.07
C ILE C 159 5.13 1.64 31.95
N PRO C 160 5.52 1.71 30.66
CA PRO C 160 4.64 1.13 29.62
C PRO C 160 4.48 -0.38 29.75
N LEU C 161 5.45 -1.08 30.32
CA LEU C 161 5.27 -2.51 30.56
C LEU C 161 4.18 -2.74 31.60
N ILE C 162 4.23 -1.99 32.71
CA ILE C 162 3.19 -2.10 33.73
C ILE C 162 1.84 -1.74 33.14
N LEU C 163 1.80 -0.71 32.28
CA LEU C 163 0.55 -0.30 31.64
C LEU C 163 0.01 -1.42 30.75
N LEU C 164 0.88 -2.03 29.94
CA LEU C 164 0.45 -3.12 29.08
C LEU C 164 -0.16 -4.26 29.90
N LEU C 165 0.55 -4.69 30.95
CA LEU C 165 0.02 -5.75 31.80
C LEU C 165 -1.25 -5.33 32.52
N PHE C 166 -1.40 -4.02 32.77
CA PHE C 166 -2.57 -3.51 33.50
C PHE C 166 -3.82 -3.53 32.62
N MET C 167 -3.67 -3.28 31.33
CA MET C 167 -4.82 -3.16 30.44
C MET C 167 -5.29 -4.51 29.90
N VAL C 168 -4.40 -5.50 29.83
CA VAL C 168 -4.73 -6.75 29.15
C VAL C 168 -5.79 -7.53 29.91
N ARG C 169 -5.74 -7.51 31.25
CA ARG C 169 -6.57 -8.41 32.05
C ARG C 169 -7.42 -7.69 33.09
N ASN C 170 -7.50 -6.37 33.05
CA ASN C 170 -8.29 -5.64 34.05
C ASN C 170 -9.77 -5.66 33.65
N PRO C 171 -10.65 -6.25 34.47
CA PRO C 171 -12.08 -6.23 34.15
C PRO C 171 -12.69 -4.84 34.22
N TYR C 172 -12.01 -3.88 34.84
CA TYR C 172 -12.47 -2.50 34.91
C TYR C 172 -12.10 -1.72 33.65
N TYR C 173 -11.55 -2.39 32.65
CA TYR C 173 -11.25 -1.77 31.36
C TYR C 173 -11.68 -2.63 30.18
N LYS C 174 -12.20 -3.83 30.42
CA LYS C 174 -12.66 -4.70 29.35
C LYS C 174 -14.17 -4.94 29.45
N LEU D 10 -17.44 -17.05 -1.74
CA LEU D 10 -17.22 -17.25 -0.32
C LEU D 10 -17.39 -15.95 0.46
N GLY D 11 -16.30 -15.44 1.02
CA GLY D 11 -16.35 -14.22 1.79
C GLY D 11 -15.08 -13.41 1.64
N ALA D 12 -15.12 -12.19 2.16
CA ALA D 12 -13.99 -11.27 2.11
C ALA D 12 -13.16 -11.31 3.39
N ARG D 13 -13.81 -11.24 4.55
CA ARG D 13 -13.11 -11.38 5.82
C ARG D 13 -12.39 -12.72 5.88
N ARG D 14 -13.07 -13.80 5.46
CA ARG D 14 -12.44 -15.11 5.45
C ARG D 14 -11.27 -15.14 4.45
N GLY D 15 -11.39 -14.42 3.34
CA GLY D 15 -10.29 -14.35 2.40
C GLY D 15 -9.09 -13.59 2.93
N LEU D 16 -9.33 -12.57 3.76
CA LEU D 16 -8.23 -11.87 4.42
C LEU D 16 -7.58 -12.75 5.47
N GLU D 17 -8.35 -13.65 6.09
CA GLU D 17 -7.79 -14.54 7.11
C GLU D 17 -6.88 -15.59 6.49
N TRP D 18 -7.26 -16.12 5.32
CA TRP D 18 -6.35 -17.03 4.61
C TRP D 18 -5.07 -16.31 4.22
N PHE D 19 -5.16 -15.03 3.88
CA PHE D 19 -3.96 -14.28 3.50
C PHE D 19 -3.06 -14.01 4.71
N LEU D 20 -3.66 -13.66 5.84
CA LEU D 20 -2.87 -13.46 7.06
C LEU D 20 -2.24 -14.77 7.51
N GLY D 21 -2.95 -15.88 7.37
CA GLY D 21 -2.41 -17.17 7.77
C GLY D 21 -1.16 -17.54 6.99
N PHE D 22 -1.22 -17.40 5.66
CA PHE D 22 -0.04 -17.67 4.84
C PHE D 22 1.06 -16.65 5.08
N TYR D 23 0.72 -15.46 5.57
CA TYR D 23 1.76 -14.51 5.96
C TYR D 23 2.52 -14.99 7.18
N PHE D 24 1.81 -15.44 8.21
CA PHE D 24 2.47 -15.94 9.41
C PHE D 24 3.13 -17.29 9.15
N LEU D 25 2.52 -18.13 8.32
CA LEU D 25 3.12 -19.44 8.02
C LEU D 25 4.42 -19.28 7.23
N SER D 26 4.42 -18.41 6.22
CA SER D 26 5.64 -18.19 5.45
C SER D 26 6.70 -17.43 6.23
N HIS D 27 6.31 -16.73 7.30
CA HIS D 27 7.28 -15.97 8.08
C HIS D 27 8.20 -16.88 8.89
N ILE D 28 7.78 -18.11 9.15
CA ILE D 28 8.57 -19.05 9.95
C ILE D 28 9.83 -19.46 9.19
N PRO D 29 9.77 -19.91 7.93
CA PRO D 29 11.02 -20.19 7.22
C PRO D 29 11.81 -18.94 6.90
N ILE D 30 11.15 -17.81 6.65
CA ILE D 30 11.85 -16.60 6.28
C ILE D 30 12.64 -16.05 7.47
N THR D 31 12.09 -16.17 8.68
CA THR D 31 12.81 -15.72 9.87
C THR D 31 13.96 -16.66 10.20
N LEU D 32 13.70 -17.96 10.22
CA LEU D 32 14.72 -18.92 10.64
C LEU D 32 15.84 -19.05 9.62
N LEU D 33 15.50 -19.08 8.34
CA LEU D 33 16.48 -19.39 7.31
C LEU D 33 17.19 -18.15 6.75
N MET D 34 16.68 -16.95 7.02
CA MET D 34 17.24 -15.76 6.38
C MET D 34 17.49 -14.62 7.35
N ASP D 35 16.46 -14.23 8.11
CA ASP D 35 16.59 -13.07 9.00
C ASP D 35 17.56 -13.35 10.14
N LEU D 36 17.43 -14.51 10.78
CA LEU D 36 18.19 -14.84 11.98
C LEU D 36 19.62 -15.27 11.69
N GLN D 37 20.07 -15.24 10.42
CA GLN D 37 21.46 -15.56 10.14
C GLN D 37 22.42 -14.52 10.71
N GLY D 38 21.94 -13.32 11.01
CA GLY D 38 22.78 -12.32 11.64
C GLY D 38 22.88 -12.41 13.14
N VAL D 39 22.17 -13.35 13.76
CA VAL D 39 22.18 -13.53 15.21
C VAL D 39 22.57 -14.96 15.59
N LEU D 40 21.96 -15.95 14.93
CA LEU D 40 22.29 -17.33 15.21
C LEU D 40 23.68 -17.66 14.65
N PRO D 41 24.38 -18.63 15.25
CA PRO D 41 25.70 -19.02 14.75
C PRO D 41 25.64 -19.50 13.32
N ARG D 42 26.75 -19.28 12.59
CA ARG D 42 26.80 -19.59 11.17
C ARG D 42 26.78 -21.08 10.89
N ASP D 43 27.44 -21.88 11.74
CA ASP D 43 27.55 -23.31 11.48
C ASP D 43 26.22 -24.04 11.59
N LEU D 44 25.19 -23.40 12.14
CA LEU D 44 23.86 -23.99 12.12
C LEU D 44 23.29 -24.04 10.70
N TYR D 45 23.80 -23.22 9.79
CA TYR D 45 23.30 -23.14 8.43
C TYR D 45 24.24 -23.85 7.47
N PRO D 46 23.72 -24.65 6.55
CA PRO D 46 24.60 -25.31 5.57
C PRO D 46 25.22 -24.28 4.62
N VAL D 47 26.22 -24.74 3.88
CA VAL D 47 26.93 -23.88 2.94
C VAL D 47 25.97 -23.26 1.93
N GLU D 48 24.90 -23.98 1.59
CA GLU D 48 23.98 -23.51 0.56
C GLU D 48 23.12 -22.36 1.06
N LEU D 49 22.58 -22.47 2.28
CA LEU D 49 21.77 -21.39 2.82
C LEU D 49 22.61 -20.17 3.16
N ARG D 50 23.89 -20.36 3.46
CA ARG D 50 24.75 -19.20 3.72
C ARG D 50 25.05 -18.45 2.44
N ASN D 51 25.26 -19.17 1.34
CA ASN D 51 25.48 -18.50 0.06
C ASN D 51 24.20 -17.86 -0.46
N LEU D 52 23.04 -18.41 -0.08
CA LEU D 52 21.79 -17.83 -0.54
C LEU D 52 21.57 -16.45 0.06
N GLN D 53 21.84 -16.28 1.35
CA GLN D 53 21.70 -14.95 1.96
C GLN D 53 22.74 -13.98 1.42
N GLN D 54 23.95 -14.48 1.13
CA GLN D 54 24.96 -13.62 0.54
C GLN D 54 24.57 -13.17 -0.87
N TRP D 55 23.87 -14.02 -1.62
CA TRP D 55 23.35 -13.62 -2.92
C TRP D 55 22.30 -12.53 -2.77
N TYR D 56 21.44 -12.63 -1.75
CA TYR D 56 20.43 -11.61 -1.51
C TYR D 56 21.08 -10.27 -1.12
N ILE D 57 22.08 -10.31 -0.24
CA ILE D 57 22.71 -9.08 0.23
C ILE D 57 23.41 -8.36 -0.92
N GLU D 58 24.01 -9.13 -1.84
CA GLU D 58 24.67 -8.51 -2.99
C GLU D 58 23.67 -8.05 -4.03
N GLU D 59 22.54 -8.75 -4.19
CA GLU D 59 21.56 -8.39 -5.21
C GLU D 59 20.81 -7.12 -4.80
N PHE D 60 20.32 -7.07 -3.56
CA PHE D 60 19.49 -5.97 -3.09
C PHE D 60 20.27 -4.92 -2.32
N LYS D 61 21.59 -5.09 -2.16
CA LYS D 61 22.44 -4.13 -1.47
C LYS D 61 21.93 -3.84 -0.05
N ASP D 62 21.57 -4.91 0.65
CA ASP D 62 21.10 -4.78 2.03
C ASP D 62 22.26 -4.44 2.95
N PRO D 63 22.22 -3.33 3.68
CA PRO D 63 23.33 -3.00 4.58
C PRO D 63 23.08 -3.45 6.01
N LEU D 64 21.81 -3.74 6.35
CA LEU D 64 21.48 -4.06 7.72
C LEU D 64 21.80 -5.52 8.05
N LEU D 65 21.55 -6.42 7.11
CA LEU D 65 21.95 -7.81 7.28
C LEU D 65 23.41 -8.05 6.91
N GLN D 66 23.98 -7.20 6.06
CA GLN D 66 25.41 -7.34 5.73
C GLN D 66 26.27 -7.14 6.97
N THR D 67 26.05 -6.05 7.69
CA THR D 67 26.75 -5.79 8.94
C THR D 67 25.71 -5.29 9.94
N PRO D 68 25.23 -6.16 10.82
CA PRO D 68 24.08 -5.81 11.69
C PRO D 68 24.49 -4.85 12.80
N PRO D 69 23.91 -3.65 12.83
CA PRO D 69 24.17 -2.74 13.94
C PRO D 69 23.43 -3.17 15.19
N ALA D 70 23.84 -2.56 16.32
CA ALA D 70 23.29 -2.97 17.61
C ALA D 70 21.79 -2.67 17.69
N TRP D 71 21.34 -1.57 17.10
CA TRP D 71 19.92 -1.26 17.13
C TRP D 71 19.12 -2.22 16.26
N PHE D 72 19.71 -2.70 15.16
CA PHE D 72 19.03 -3.68 14.33
C PHE D 72 19.12 -5.09 14.90
N LYS D 73 20.19 -5.39 15.65
CA LYS D 73 20.29 -6.70 16.29
C LYS D 73 19.27 -6.88 17.40
N SER D 74 18.91 -5.78 18.08
CA SER D 74 17.91 -5.88 19.14
C SER D 74 16.56 -6.32 18.59
N PHE D 75 16.22 -5.88 17.37
CA PHE D 75 14.97 -6.30 16.75
C PHE D 75 15.03 -7.76 16.33
N LEU D 76 16.17 -8.19 15.77
CA LEU D 76 16.31 -9.61 15.40
C LEU D 76 16.14 -10.52 16.60
N PHE D 77 16.56 -10.08 17.79
CA PHE D 77 16.31 -10.86 18.99
C PHE D 77 14.83 -10.84 19.37
N CYS D 78 14.17 -9.70 19.17
CA CYS D 78 12.72 -9.65 19.38
C CYS D 78 12.00 -10.60 18.43
N GLU D 79 12.46 -10.67 17.18
CA GLU D 79 11.84 -11.55 16.20
C GLU D 79 11.97 -13.01 16.61
N LEU D 80 13.10 -13.37 17.22
CA LEU D 80 13.33 -14.76 17.61
C LEU D 80 12.56 -15.13 18.88
N VAL D 81 12.54 -14.24 19.86
CA VAL D 81 12.01 -14.58 21.18
C VAL D 81 10.50 -14.36 21.25
N PHE D 82 9.98 -13.29 20.64
CA PHE D 82 8.57 -12.92 20.75
C PHE D 82 7.78 -13.19 19.48
N GLN D 83 8.29 -12.80 18.31
CA GLN D 83 7.52 -12.93 17.09
C GLN D 83 7.42 -14.38 16.64
N LEU D 84 8.54 -15.07 16.56
CA LEU D 84 8.55 -16.44 16.05
C LEU D 84 7.64 -17.40 16.81
N PRO D 85 7.58 -17.39 18.14
CA PRO D 85 6.58 -18.25 18.82
C PRO D 85 5.15 -17.89 18.50
N PHE D 86 4.90 -16.67 18.02
CA PHE D 86 3.55 -16.23 17.70
C PHE D 86 3.12 -16.60 16.30
N PHE D 87 4.07 -16.81 15.39
CA PHE D 87 3.73 -17.11 13.99
C PHE D 87 2.84 -18.36 13.85
N PRO D 88 3.17 -19.51 14.43
CA PRO D 88 2.31 -20.68 14.23
C PRO D 88 0.95 -20.56 14.90
N ILE D 89 0.87 -19.83 16.01
CA ILE D 89 -0.40 -19.67 16.71
C ILE D 89 -1.33 -18.78 15.91
N ALA D 90 -0.80 -17.69 15.34
CA ALA D 90 -1.63 -16.81 14.54
C ALA D 90 -2.08 -17.50 13.26
N ALA D 91 -1.23 -18.34 12.68
CA ALA D 91 -1.59 -19.06 11.46
C ALA D 91 -2.78 -19.98 11.70
N TYR D 92 -2.78 -20.71 12.83
CA TYR D 92 -3.90 -21.58 13.13
C TYR D 92 -5.19 -20.79 13.32
N ALA D 93 -5.10 -19.66 14.03
CA ALA D 93 -6.31 -18.89 14.34
C ALA D 93 -6.90 -18.28 13.07
N PHE D 94 -6.05 -17.82 12.14
CA PHE D 94 -6.57 -17.21 10.92
C PHE D 94 -6.93 -18.26 9.87
N PHE D 95 -6.29 -19.44 9.90
CA PHE D 95 -6.69 -20.52 9.00
C PHE D 95 -7.99 -21.14 9.46
N LYS D 96 -8.18 -21.28 10.78
CA LYS D 96 -9.44 -21.82 11.29
C LYS D 96 -10.54 -20.77 11.22
N GLY D 97 -10.25 -19.55 11.66
CA GLY D 97 -11.24 -18.48 11.66
C GLY D 97 -12.09 -18.47 12.91
N GLY D 98 -12.52 -17.26 13.28
CA GLY D 98 -13.41 -17.11 14.42
C GLY D 98 -12.75 -17.26 15.77
N CYS D 99 -11.44 -17.10 15.85
CA CYS D 99 -10.71 -17.21 17.11
C CYS D 99 -10.57 -15.81 17.72
N LYS D 100 -11.50 -15.46 18.61
CA LYS D 100 -11.50 -14.12 19.19
C LYS D 100 -10.35 -13.89 20.15
N TRP D 101 -9.76 -14.96 20.69
CA TRP D 101 -8.67 -14.82 21.66
C TRP D 101 -7.39 -14.25 21.04
N ILE D 102 -7.37 -14.01 19.73
CA ILE D 102 -6.16 -13.52 19.06
C ILE D 102 -6.17 -12.02 18.83
N ARG D 103 -7.30 -11.34 19.09
CA ARG D 103 -7.42 -9.92 18.78
C ARG D 103 -6.35 -9.10 19.49
N THR D 104 -6.27 -9.23 20.81
CA THR D 104 -5.29 -8.48 21.60
C THR D 104 -3.86 -8.92 21.29
N PRO D 105 -3.57 -10.23 21.18
CA PRO D 105 -2.20 -10.61 20.76
C PRO D 105 -1.84 -10.10 19.38
N ALA D 106 -2.77 -10.09 18.43
CA ALA D 106 -2.46 -9.59 17.09
C ALA D 106 -2.19 -8.10 17.11
N ILE D 107 -2.89 -7.35 17.96
CA ILE D 107 -2.64 -5.91 18.07
C ILE D 107 -1.23 -5.66 18.59
N ILE D 108 -0.80 -6.44 19.58
CA ILE D 108 0.53 -6.28 20.17
C ILE D 108 1.61 -6.61 19.14
N TYR D 109 1.43 -7.68 18.37
CA TYR D 109 2.38 -8.02 17.33
C TYR D 109 2.46 -6.93 16.27
N SER D 110 1.32 -6.39 15.87
CA SER D 110 1.28 -5.42 14.78
C SER D 110 2.04 -4.15 15.14
N VAL D 111 1.76 -3.59 16.32
CA VAL D 111 2.41 -2.33 16.72
C VAL D 111 3.90 -2.55 16.89
N HIS D 112 4.30 -3.70 17.44
CA HIS D 112 5.73 -3.98 17.63
C HIS D 112 6.44 -4.08 16.28
N THR D 113 5.83 -4.77 15.32
CA THR D 113 6.47 -4.92 14.02
C THR D 113 6.47 -3.61 13.25
N MET D 114 5.35 -2.88 13.26
CA MET D 114 5.30 -1.59 12.57
C MET D 114 6.31 -0.61 13.15
N THR D 115 6.47 -0.60 14.47
CA THR D 115 7.46 0.29 15.09
C THR D 115 8.87 -0.14 14.74
N THR D 116 9.09 -1.44 14.53
CA THR D 116 10.43 -1.93 14.19
C THR D 116 10.88 -1.41 12.84
N LEU D 117 9.98 -1.38 11.85
CA LEU D 117 10.36 -1.06 10.50
C LEU D 117 10.43 0.44 10.21
N ILE D 118 9.89 1.28 11.08
CA ILE D 118 10.00 2.72 10.88
C ILE D 118 11.46 3.18 10.87
N PRO D 119 12.31 2.82 11.84
CA PRO D 119 13.73 3.19 11.71
C PRO D 119 14.44 2.43 10.61
N ILE D 120 13.95 1.24 10.25
CA ILE D 120 14.57 0.48 9.18
C ILE D 120 14.30 1.15 7.84
N LEU D 121 13.05 1.52 7.57
CA LEU D 121 12.73 2.19 6.31
C LEU D 121 13.34 3.59 6.26
N SER D 122 13.46 4.26 7.40
CA SER D 122 14.06 5.59 7.43
C SER D 122 15.55 5.55 7.11
N THR D 123 16.23 4.49 7.56
CA THR D 123 17.67 4.38 7.31
C THR D 123 17.96 4.08 5.85
N LEU D 124 17.18 3.18 5.25
CA LEU D 124 17.40 2.83 3.85
C LEU D 124 17.02 3.98 2.92
N LEU D 125 16.11 4.84 3.34
CA LEU D 125 15.61 5.87 2.43
C LEU D 125 16.48 7.12 2.47
N LEU D 126 17.02 7.46 3.64
CA LEU D 126 17.64 8.77 3.84
C LEU D 126 19.14 8.75 4.13
N ASP D 127 19.71 7.61 4.50
CA ASP D 127 21.13 7.59 4.84
C ASP D 127 21.99 7.51 3.58
N ASP D 128 23.17 8.11 3.66
CA ASP D 128 24.15 8.08 2.58
C ASP D 128 25.11 6.91 2.83
N PHE D 129 25.04 5.89 1.98
CA PHE D 129 25.90 4.73 2.11
C PHE D 129 27.17 4.82 1.29
N SER D 130 27.27 5.79 0.38
CA SER D 130 28.50 5.99 -0.37
C SER D 130 29.64 6.44 0.52
N LYS D 131 29.36 7.37 1.45
CA LYS D 131 30.38 7.84 2.36
C LYS D 131 30.82 6.73 3.30
N ALA D 132 31.98 6.94 3.93
CA ALA D 132 32.52 5.96 4.86
C ALA D 132 31.60 5.81 6.06
N SER D 133 31.29 4.55 6.39
CA SER D 133 30.42 4.25 7.51
C SER D 133 30.73 2.84 8.00
N HIS D 134 30.11 2.47 9.12
CA HIS D 134 30.25 1.11 9.62
C HIS D 134 29.65 0.09 8.67
N PHE D 135 28.82 0.54 7.71
CA PHE D 135 28.29 -0.35 6.68
C PHE D 135 29.36 -0.77 5.68
N ARG D 136 30.55 -0.16 5.72
CA ARG D 136 31.69 -0.55 4.90
C ARG D 136 31.38 -0.44 3.40
N GLY D 137 30.98 0.77 2.99
CA GLY D 137 30.73 1.05 1.59
C GLY D 137 29.68 0.16 0.95
N GLN D 138 28.72 -0.32 1.73
CA GLN D 138 27.66 -1.17 1.22
C GLN D 138 26.30 -0.50 1.46
N GLY D 139 25.34 -0.84 0.61
CA GLY D 139 24.01 -0.29 0.70
C GLY D 139 23.56 0.32 -0.60
N PRO D 140 22.35 0.90 -0.61
CA PRO D 140 21.84 1.52 -1.83
C PRO D 140 22.55 2.84 -2.13
N LYS D 141 23.00 3.00 -3.37
CA LYS D 141 23.70 4.20 -3.81
C LYS D 141 22.82 5.15 -4.61
N THR D 142 21.80 4.64 -5.29
CA THR D 142 20.89 5.45 -6.09
C THR D 142 19.48 5.34 -5.53
N PHE D 143 18.60 6.22 -6.00
CA PHE D 143 17.21 6.20 -5.54
C PHE D 143 16.49 4.94 -6.03
N GLN D 144 16.81 4.48 -7.24
CA GLN D 144 16.24 3.23 -7.73
C GLN D 144 16.66 2.07 -6.85
N GLU D 145 17.93 2.04 -6.44
CA GLU D 145 18.40 0.96 -5.58
C GLU D 145 17.76 1.04 -4.20
N ARG D 146 17.52 2.24 -3.70
CA ARG D 146 16.79 2.39 -2.44
C ARG D 146 15.39 1.81 -2.56
N LEU D 147 14.71 2.09 -3.69
CA LEU D 147 13.37 1.58 -3.89
C LEU D 147 13.36 0.07 -4.07
N PHE D 148 14.44 -0.49 -4.63
CA PHE D 148 14.52 -1.93 -4.84
C PHE D 148 14.60 -2.69 -3.52
N LEU D 149 15.31 -2.13 -2.54
CA LEU D 149 15.45 -2.77 -1.24
C LEU D 149 14.22 -2.54 -0.35
N ILE D 150 13.64 -1.33 -0.42
CA ILE D 150 12.47 -1.02 0.39
C ILE D 150 11.28 -1.89 0.00
N SER D 151 11.17 -2.26 -1.28
CA SER D 151 10.04 -3.07 -1.72
C SER D 151 10.00 -4.43 -1.05
N VAL D 152 11.12 -4.89 -0.51
CA VAL D 152 11.15 -6.15 0.21
C VAL D 152 10.84 -5.96 1.70
N TYR D 153 11.17 -4.80 2.26
CA TYR D 153 10.89 -4.57 3.67
C TYR D 153 9.48 -4.05 3.89
N ILE D 154 8.88 -3.40 2.89
CA ILE D 154 7.60 -2.71 3.04
C ILE D 154 6.42 -3.65 3.27
N PRO D 155 6.41 -4.92 2.82
CA PRO D 155 5.27 -5.78 3.17
C PRO D 155 5.14 -6.04 4.67
N TYR D 156 6.26 -6.14 5.38
CA TYR D 156 6.21 -6.41 6.81
C TYR D 156 5.82 -5.20 7.64
N PHE D 157 5.57 -4.06 7.01
CA PHE D 157 4.98 -2.90 7.66
C PHE D 157 3.53 -2.68 7.24
N LEU D 158 3.19 -2.98 5.99
CA LEU D 158 1.82 -2.77 5.51
C LEU D 158 0.88 -3.86 6.01
N ILE D 159 1.32 -5.12 5.99
CA ILE D 159 0.47 -6.24 6.39
C ILE D 159 0.17 -6.18 7.88
N PRO D 160 1.15 -5.90 8.76
CA PRO D 160 0.78 -5.63 10.16
C PRO D 160 -0.10 -4.42 10.32
N LEU D 161 0.04 -3.42 9.45
CA LEU D 161 -0.88 -2.28 9.48
C LEU D 161 -2.30 -2.71 9.10
N ILE D 162 -2.43 -3.56 8.09
CA ILE D 162 -3.74 -4.11 7.74
C ILE D 162 -4.31 -4.91 8.91
N LEU D 163 -3.49 -5.76 9.53
CA LEU D 163 -3.95 -6.58 10.63
C LEU D 163 -4.37 -5.73 11.82
N LEU D 164 -3.66 -4.63 12.08
CA LEU D 164 -4.03 -3.75 13.18
C LEU D 164 -5.40 -3.15 12.95
N LEU D 165 -5.60 -2.53 11.78
CA LEU D 165 -6.91 -1.96 11.47
C LEU D 165 -8.00 -3.02 11.44
N PHE D 166 -7.63 -4.26 11.09
CA PHE D 166 -8.59 -5.35 11.07
C PHE D 166 -9.01 -5.74 12.49
N MET D 167 -8.11 -5.63 13.47
CA MET D 167 -8.41 -6.07 14.82
C MET D 167 -8.95 -4.95 15.70
N VAL D 168 -8.60 -3.70 15.43
CA VAL D 168 -8.95 -2.61 16.33
C VAL D 168 -10.46 -2.40 16.35
N ARG D 169 -11.09 -2.32 15.17
CA ARG D 169 -12.52 -2.09 15.04
C ARG D 169 -13.10 -3.10 14.06
N ASN D 170 -13.36 -4.32 14.55
CA ASN D 170 -14.05 -5.34 13.77
C ASN D 170 -15.14 -5.91 14.68
N PRO D 171 -16.41 -5.86 14.27
CA PRO D 171 -17.48 -6.36 15.14
C PRO D 171 -17.31 -7.83 15.52
N TYR D 172 -16.66 -8.62 14.68
CA TYR D 172 -16.45 -10.03 14.98
C TYR D 172 -15.46 -10.21 16.13
N TYR D 173 -14.45 -9.35 16.21
CA TYR D 173 -13.46 -9.39 17.27
C TYR D 173 -13.64 -8.25 18.26
N LYS D 174 -13.56 -7.01 17.79
CA LYS D 174 -13.63 -5.83 18.67
C LYS D 174 -15.00 -5.68 19.32
C1 YTD E . -8.70 5.63 -10.51
C2 YTD E . -8.12 6.97 -10.93
C3 YTD E . -8.43 8.05 -9.92
C4 YTD E . -9.88 8.03 -9.53
C5 YTD E . -10.58 6.81 -9.50
C6 YTD E . -11.92 6.79 -9.14
C7 YTD E . -12.57 7.98 -8.82
N YTD E . -9.89 5.63 -9.84
C YTD E . -10.47 4.36 -9.47
O YTD E . -12.18 13.90 -7.60
C10 YTD E . -13.27 12.04 -6.65
C11 YTD E . -14.32 12.45 -7.67
C12 YTD E . -12.32 13.23 -6.35
C13 YTD E . -12.83 14.19 -5.29
C14 YTD E . -12.26 14.20 -4.02
C15 YTD E . -12.70 15.09 -3.07
C16 YTD E . -13.70 16.00 -3.36
C17 YTD E . -14.26 16.00 -4.62
C18 YTD E . -13.83 15.09 -5.57
C19 YTD E . -14.01 11.58 -5.40
C20 YTD E . -10.56 9.20 -9.21
C8 YTD E . -11.90 9.19 -8.86
C9 YTD E . -12.63 10.49 -8.57
N1 YTD E . -12.46 10.92 -7.18
O1 YTD E . -8.12 4.59 -10.77
C18 OLC F . 7.35 -1.47 -13.85
C10 OLC F . -1.11 0.64 -12.35
C9 OLC F . -1.85 -0.20 -13.04
C17 OLC F . 6.71 -0.13 -13.47
C11 OLC F . 0.32 0.96 -12.80
C8 OLC F . -1.31 -0.88 -14.29
C16 OLC F . 5.32 -0.36 -12.86
C12 OLC F . 1.00 1.83 -11.75
C7 OLC F . -1.51 -2.38 -14.19
C15 OLC F . 4.64 1.00 -12.63
C13 OLC F . 2.44 2.09 -12.17
C6 OLC F . -3.00 -2.74 -14.36
C14 OLC F . 3.23 0.78 -12.11
C5 OLC F . -3.20 -4.22 -14.07
C10 OLC G . 4.54 -4.00 -2.24
C9 OLC G . 4.62 -2.70 -2.10
C11 OLC G . 5.78 -4.82 -2.58
C8 OLC G . 3.39 -1.86 -1.76
C12 OLC G . 5.39 -6.24 -2.96
C7 OLC G . 2.11 -2.62 -2.13
C13 OLC G . 6.58 -7.17 -2.74
C6 OLC G . 0.92 -1.95 -1.44
C5 OLC G . -0.34 -2.78 -1.64
C4 OLC G . -1.53 -2.11 -0.97
C3 OLC G . -1.26 -1.98 0.53
C2 OLC G . -2.54 -1.54 1.23
C10 OLC H . 6.18 1.56 -9.34
C9 OLC H . 6.06 1.12 -8.11
C11 OLC H . 7.41 1.20 -10.17
C8 OLC H . 4.84 1.47 -7.28
C12 OLC H . 8.60 2.07 -9.77
C7 OLC H . 3.59 0.87 -7.94
C15 OLC H . 12.07 2.38 -11.39
C13 OLC H . 9.75 1.78 -10.73
C14 OLC H . 10.99 2.57 -10.32
C10 OLC I . 4.44 26.97 -17.29
C9 OLC I . 4.88 28.02 -16.61
C11 OLC I . 3.52 25.96 -16.60
C8 OLC I . 5.79 29.04 -17.29
C12 OLC I . 2.84 25.08 -17.65
C7 OLC I . 5.27 29.35 -18.68
C13 OLC I . 1.57 24.48 -17.04
C6 OLC I . 6.44 29.78 -19.57
C14 OLC I . 1.18 23.22 -17.78
C5 OLC I . 5.97 29.84 -21.01
C10 OLC J . 5.37 1.95 -1.43
C9 OLC J . 5.81 3.09 -0.94
C11 OLC J . 6.34 0.85 -1.82
C8 OLC J . 4.84 4.19 -0.54
C12 OLC J . 7.03 1.21 -3.13
C7 OLC J . 3.65 3.58 0.20
C15 OLC J . 8.76 -0.96 -5.81
C13 OLC J . 7.66 -0.06 -3.73
C14 OLC J . 8.28 0.30 -5.09
C10 OLC K . 11.99 16.75 -3.47
C9 OLC K . 11.17 15.73 -3.27
C11 OLC K . 13.11 16.62 -4.50
C8 OLC K . 10.04 15.82 -2.24
C12 OLC K . 13.75 17.98 -4.76
C7 OLC K . 9.16 14.59 -2.36
C15 OLC K . 12.53 21.55 -4.82
C13 OLC K . 12.67 19.06 -4.81
C14 OLC K . 13.25 20.34 -5.41
O1 MES L . 8.63 24.29 -22.86
C2 MES L . 9.85 24.81 -22.35
C3 MES L . 10.71 25.20 -23.56
N4 MES L . 10.85 24.03 -24.42
C5 MES L . 9.64 23.29 -24.76
C6 MES L . 8.84 23.03 -23.50
C7 MES L . 11.74 24.20 -25.55
C8 MES L . 13.17 23.76 -25.22
S MES L . 13.27 22.56 -24.08
O1S MES L . 13.08 23.18 -22.74
O2S MES L . 14.62 21.95 -24.16
O3S MES L . 12.25 21.52 -24.35
C10 OLC M . -21.81 4.24 -24.48
C9 OLC M . -20.58 4.62 -24.16
C11 OLC M . -22.74 3.67 -23.40
C8 OLC M . -19.67 5.18 -25.25
C12 OLC M . -24.19 3.94 -23.82
C7 OLC M . -18.47 5.89 -24.62
C13 OLC M . -25.07 3.99 -22.58
C6 OLC M . -17.92 6.93 -25.59
C14 OLC M . -26.53 4.14 -22.99
C5 OLC M . -16.47 7.25 -25.25
C1 YTD N . -11.78 -5.08 -24.81
C2 YTD N . -10.60 -6.00 -24.66
C3 YTD N . -10.78 -7.24 -25.51
C4 YTD N . -12.14 -7.85 -25.29
C5 YTD N . -13.24 -7.04 -24.99
C6 YTD N . -14.49 -7.62 -24.81
C7 YTD N . -14.65 -8.99 -24.91
N YTD N . -13.04 -5.66 -24.82
C YTD N . -14.19 -4.79 -24.65
O YTD N . -12.62 -14.49 -26.55
C10 YTD N . -14.61 -13.24 -26.61
C11 YTD N . -16.00 -13.22 -27.25
C12 YTD N . -13.59 -14.02 -27.47
C13 YTD N . -14.17 -15.17 -28.26
C14 YTD N . -14.37 -16.41 -27.66
C15 YTD N . -14.86 -17.47 -28.38
C16 YTD N . -15.15 -17.33 -29.73
C17 YTD N . -14.96 -16.10 -30.34
C18 YTD N . -14.46 -15.03 -29.61
C19 YTD N . -14.75 -13.85 -25.21
C20 YTD N . -12.32 -9.23 -25.38
C8 YTD N . -13.57 -9.82 -25.19
C9 YTD N . -13.72 -11.31 -25.18
N1 YTD N . -14.14 -11.84 -26.49
O1 YTD N . -11.65 -3.87 -24.89
C18 OLC O . -4.75 0.48 -40.32
C17 OLC O . -4.69 1.96 -39.98
C11 OLC O . -3.54 3.22 -33.38
C16 OLC O . -3.96 2.15 -38.65
C12 OLC O . -2.84 3.76 -34.63
C15 OLC O . -3.88 3.65 -38.33
C13 OLC O . -3.63 3.33 -35.87
C14 OLC O . -2.95 3.86 -37.13
C10 OLC P . 8.66 -9.25 -44.26
C9 OLC P . 7.71 -9.71 -43.47
C11 OLC P . 10.06 -9.85 -44.21
C8 OLC P . 6.32 -9.10 -43.52
C7 OLC P . 5.37 -9.91 -42.64
C6 OLC P . 3.92 -9.50 -42.94
C5 OLC P . 3.00 -10.02 -41.83
C4 OLC P . 1.55 -9.75 -42.22
C3 OLC P . 0.77 -9.25 -41.01
C2 OLC P . -0.70 -9.09 -41.39
C18 OLC Q . -13.92 -0.71 -39.04
C10 OLC Q . -20.01 -7.92 -41.64
C9 OLC Q . -19.19 -8.79 -42.19
C17 OLC Q . -15.28 -1.33 -38.78
C11 OLC Q . -19.56 -7.12 -40.42
C8 OLC Q . -19.63 -9.59 -43.42
C16 OLC Q . -15.67 -2.25 -39.94
C12 OLC Q . -18.34 -6.29 -40.79
C7 OLC Q . -19.90 -8.64 -44.57
C15 OLC Q . -17.00 -2.93 -39.63
C13 OLC Q . -18.46 -4.89 -40.18
C6 OLC Q . -20.28 -9.43 -45.83
C14 OLC Q . -17.26 -4.05 -40.63
C10 OLC R . -3.40 1.57 -28.02
C9 OLC R . -4.68 1.38 -27.81
C11 OLC R . -2.69 0.92 -29.21
C8 OLC R . -5.34 2.07 -26.61
C12 OLC R . -2.39 2.00 -30.24
C7 OLC R . -5.12 3.57 -26.74
C13 OLC R . -1.37 2.98 -29.67
C6 OLC R . -5.44 4.26 -25.42
C5 OLC R . -6.87 3.95 -25.00
C4 OLC R . -7.30 4.91 -23.89
C3 OLC R . -7.58 6.27 -24.50
C18 OLC S . 12.91 -22.63 -28.94
C10 OLC S . 3.93 -19.54 -26.32
C9 OLC S . 3.06 -19.03 -25.47
C17 OLC S . 11.46 -22.87 -28.53
C11 OLC S . 5.43 -19.41 -26.08
C8 OLC S . 3.53 -18.29 -24.22
C16 OLC S . 10.66 -21.59 -28.75
C12 OLC S . 6.20 -20.23 -27.11
C7 OLC S . 2.38 -18.19 -23.22
C15 OLC S . 9.75 -21.39 -27.54
C13 OLC S . 7.67 -20.33 -26.70
C6 OLC S . 1.07 -17.93 -23.96
C14 OLC S . 8.50 -20.63 -27.94
C5 OLC S . -0.11 -17.98 -22.99
C1 YTD T . 9.94 7.71 23.61
C2 YTD T . 9.64 7.95 25.07
C3 YTD T . 10.87 7.78 25.94
C4 YTD T . 12.04 8.53 25.36
C5 YTD T . 12.16 8.67 23.98
C6 YTD T . 13.22 9.39 23.43
C7 YTD T . 14.16 9.96 24.27
N YTD T . 11.18 8.09 23.16
C YTD T . 11.47 7.88 21.74
O YTD T . 15.57 9.94 30.33
C10 YTD T . 14.40 11.36 28.84
C11 YTD T . 15.29 12.57 28.52
C12 YTD T . 14.56 10.94 30.31
C13 YTD T . 14.89 12.05 31.28
C14 YTD T . 13.92 12.99 31.64
C15 YTD T . 14.23 14.00 32.54
C16 YTD T . 15.49 14.09 33.09
C17 YTD T . 16.45 13.17 32.74
C18 YTD T . 16.15 12.17 31.84
C19 YTD T . 12.95 11.67 28.52
C20 YTD T . 13.00 9.12 26.18
C8 YTD T . 14.07 9.85 25.66
C9 YTD T . 15.08 10.50 26.56
N1 YTD T . 14.81 10.24 27.97
O1 YTD T . 9.12 7.21 22.86
C18 OLC U . -11.78 7.69 22.51
C17 OLC U . -10.46 8.43 22.76
C11 OLC U . -5.81 10.48 19.18
C16 OLC U . -9.39 7.89 21.82
C12 OLC U . -5.04 9.38 19.91
C15 OLC U . -8.07 8.59 22.09
C13 OLC U . -5.77 9.01 21.20
C14 OLC U . -7.15 8.44 20.88
C10 OLC V . -0.88 6.07 20.11
C9 OLC V . 0.23 5.35 20.20
C11 OLC V . -2.19 5.54 20.65
C8 OLC V . 1.53 5.92 19.65
C12 OLC V . -3.33 6.21 19.87
C7 OLC V . 2.09 4.95 18.60
C13 OLC V . -4.56 5.32 19.87
C6 OLC V . 1.15 4.82 17.41
C5 OLC V . 1.65 3.71 16.48
C4 OLC V . 3.03 4.08 15.95
C3 OLC V . 3.39 3.19 14.75
C2 OLC V . 2.70 3.74 13.51
C10 OLC W . 11.15 9.70 9.85
C9 OLC W . 12.13 10.50 10.23
C11 OLC W . 9.89 9.63 10.70
C8 OLC W . 13.43 10.62 9.42
C12 OLC W . 8.87 8.65 10.12
C7 OLC W . 14.22 11.82 9.95
C13 OLC W . 7.53 8.87 10.82
C6 OLC W . 15.50 12.01 9.14
C14 OLC W . 6.63 7.66 10.61
C5 OLC W . 16.42 10.81 9.34
C1 YTD X . 10.90 -7.64 12.37
C2 YTD X . 9.86 -7.75 11.29
C3 YTD X . 10.32 -8.63 10.16
C4 YTD X . 11.72 -8.29 9.73
C5 YTD X . 12.63 -7.78 10.66
C6 YTD X . 13.93 -7.47 10.27
C7 YTD X . 14.31 -7.65 8.95
N YTD X . 12.22 -7.63 11.99
C YTD X . 13.23 -7.46 13.03
O YTD X . 11.97 -10.18 3.58
C10 YTD X . 14.05 -9.91 4.65
C11 YTD X . 14.02 -8.60 3.86
C12 YTD X . 13.08 -10.94 4.02
C13 YTD X . 13.66 -11.74 2.87
C14 YTD X . 13.94 -13.09 3.02
C15 YTD X . 14.44 -13.83 1.96
C16 YTD X . 14.68 -13.23 0.75
C17 YTD X . 14.41 -11.89 0.58
C18 YTD X . 13.91 -11.15 1.64
C19 YTD X . 15.50 -10.43 4.63
C20 YTD X . 12.13 -8.45 8.41
C8 YTD X . 13.42 -8.15 8.01
C9 YTD X . 13.85 -8.29 6.56
N1 YTD X . 13.65 -9.65 6.04
O1 YTD X . 10.59 -7.56 13.55
C10 OLC Y . 2.83 -11.69 20.48
C9 OLC Y . 3.80 -10.91 20.03
C11 OLC Y . 2.17 -11.36 21.82
C8 OLC Y . 4.25 -9.69 20.82
C12 OLC Y . 1.20 -12.48 22.20
C7 OLC Y . 5.59 -9.21 20.27
C6 OLC Y . 5.98 -7.88 20.92
C5 OLC Y . 6.16 -8.06 22.42
C4 OLC Y . 6.12 -6.69 23.10
C3 OLC Y . 7.49 -6.03 22.96
C2 OLC Y . 8.52 -6.80 23.78
C18 OLC Z . 3.60 -24.37 12.13
C10 OLC Z . -6.21 -25.29 10.67
C9 OLC Z . -6.86 -26.14 11.44
C17 OLC Z . 2.49 -24.20 11.10
C11 OLC Z . -4.79 -25.60 10.20
C8 OLC Z . -8.28 -25.84 11.92
C16 OLC Z . 1.13 -24.20 11.79
C12 OLC Z . -3.76 -24.98 11.13
C7 OLC Z . -9.21 -25.73 10.71
C15 OLC Z . 0.04 -24.51 10.76
C13 OLC Z . -2.37 -25.10 10.51
C6 OLC Z . -10.67 -25.81 11.19
C14 OLC Z . -1.32 -24.52 11.46
C7 OLC AA . -4.53 -16.77 24.43
C6 OLC AA . -3.64 -16.05 23.42
C5 OLC AA . -2.17 -16.39 23.69
C4 OLC AA . -1.27 -15.52 22.81
C3 OLC AA . 0.19 -15.96 22.98
C2 OLC AA . 0.64 -15.73 24.43
C10 OLC BA . -12.61 -6.63 6.14
C9 OLC BA . -11.59 -5.80 6.28
C11 OLC BA . -12.99 -7.10 4.74
C8 OLC BA . -11.19 -5.31 7.67
C7 OLC BA . -9.78 -4.75 7.62
C6 OLC BA . -9.83 -3.23 7.39
C5 OLC BA . -8.43 -2.72 7.10
C4 OLC BA . -8.14 -2.81 5.61
C3 OLC BA . -6.76 -2.23 5.30
C10 OLC CA . -11.26 -24.43 0.15
C9 OLC CA . -11.30 -25.45 0.98
C11 OLC CA . -9.96 -24.09 -0.59
C8 OLC CA . -12.60 -25.78 1.70
C12 OLC CA . -8.97 -23.43 0.38
C7 OLC CA . -13.72 -26.00 0.68
C15 OLC CA . -5.72 -21.51 -0.25
C13 OLC CA . -7.85 -22.77 -0.43
C14 OLC CA . -6.67 -22.45 0.48
O1 MES DA . 28.86 -17.16 14.27
C2 MES DA . 29.43 -17.25 15.57
C3 MES DA . 30.41 -16.09 15.74
N4 MES DA . 31.32 -16.08 14.60
C5 MES DA . 30.71 -16.10 13.27
C6 MES DA . 29.84 -17.35 13.24
C7 MES DA . 32.57 -15.33 14.80
C8 MES DA . 33.53 -15.84 13.73
S MES DA . 34.01 -17.37 14.19
O1S MES DA . 35.40 -17.63 13.74
O2S MES DA . 33.07 -18.32 13.58
O3S MES DA . 33.99 -17.42 15.67
#